data_7U48
#
_entry.id   7U48
#
_cell.length_a   170.692
_cell.length_b   50.976
_cell.length_c   106.699
_cell.angle_alpha   90.000
_cell.angle_beta   113.230
_cell.angle_gamma   90.000
#
_symmetry.space_group_name_H-M   'C 1 2 1'
#
loop_
_entity.id
_entity.type
_entity.pdbx_description
1 polymer Beta-lactamase
2 non-polymer GLYCEROL
3 non-polymer (E)-5-hydroxy-3-oxo-N-(3-oxopropylidene)-L-norvaline
4 non-polymer 'SULFATE ION'
5 water water
#
_entity_poly.entity_id   1
_entity_poly.type   'polypeptide(L)'
_entity_poly.pdbx_seq_one_letter_code
;MVKKSLRQFTLMATATVTLLLGSVPLYPLTADVQQKLAELERQSGGRLGVALINTADNSQILYRADERFAMCSTSKVMAA
AAVLKKSESEPNLLNQRVEIKKSDLVNYNPIAEKHVNGTMSLAELSAAALQYSDNVAMNKLIAHVGGPASVTAFARQLGD
ETFRLDRTEPTLNTAIPGDPRDTTSPRAMAQTLRNLTLGKALGDSQRAQLVTWMKGNTTGAASIQAGLPASWVVGDKTGS
GGYGTTNDIAVIWPKDRAPLILVTYFTQPQPKAESRRDVLASAAKIVTDGL
;
_entity_poly.pdbx_strand_id   A,B,C
#
# COMPACT_ATOMS: atom_id res chain seq x y z
N PRO A 28 -16.56 2.15 -22.06
CA PRO A 28 -15.89 2.27 -20.75
C PRO A 28 -15.28 0.95 -20.27
N LEU A 29 -15.32 -0.07 -21.13
CA LEU A 29 -14.63 -1.37 -21.07
C LEU A 29 -15.40 -2.40 -21.91
N THR A 30 -16.68 -2.10 -22.21
CA THR A 30 -17.62 -2.95 -22.94
C THR A 30 -18.79 -2.01 -23.25
N ALA A 31 -19.97 -2.22 -22.63
CA ALA A 31 -19.74 -1.62 -21.33
C ALA A 31 -20.52 -2.36 -20.26
N ASP A 32 -20.10 -3.60 -19.99
CA ASP A 32 -20.69 -4.33 -18.88
C ASP A 32 -20.07 -3.92 -17.57
N VAL A 33 -18.92 -3.25 -17.59
CA VAL A 33 -18.56 -2.42 -16.45
C VAL A 33 -19.64 -1.35 -16.22
N GLN A 34 -20.08 -0.70 -17.29
CA GLN A 34 -21.13 0.30 -17.11
C GLN A 34 -22.42 -0.33 -16.61
N GLN A 35 -22.77 -1.51 -17.13
CA GLN A 35 -23.97 -2.19 -16.69
C GLN A 35 -23.85 -2.66 -15.24
N LYS A 36 -22.68 -3.15 -14.86
CA LYS A 36 -22.43 -3.56 -13.49
C LYS A 36 -22.56 -2.37 -12.53
N LEU A 37 -22.00 -1.22 -12.91
CA LEU A 37 -22.11 -0.03 -12.05
C LEU A 37 -23.57 0.44 -11.97
N ALA A 38 -24.25 0.48 -13.11
CA ALA A 38 -25.67 0.80 -13.12
C ALA A 38 -26.45 -0.14 -12.20
N GLU A 39 -26.11 -1.45 -12.22
CA GLU A 39 -26.81 -2.39 -11.34
C GLU A 39 -26.54 -2.05 -9.89
N LEU A 40 -25.26 -1.90 -9.58
CA LEU A 40 -24.85 -1.61 -8.22
C LEU A 40 -25.57 -0.37 -7.71
N GLU A 41 -25.61 0.68 -8.53
CA GLU A 41 -26.22 1.94 -8.10
C GLU A 41 -27.69 1.72 -7.75
N ARG A 42 -28.38 1.04 -8.63
CA ARG A 42 -29.81 0.85 -8.54
C ARG A 42 -30.16 -0.06 -7.38
N GLN A 43 -29.41 -1.15 -7.26
CA GLN A 43 -29.52 -2.04 -6.12
C GLN A 43 -29.23 -1.34 -4.80
N SER A 44 -28.25 -0.43 -4.76
CA SER A 44 -27.98 0.27 -3.51
C SER A 44 -28.84 1.51 -3.31
N GLY A 45 -29.70 1.84 -4.27
CA GLY A 45 -30.69 2.86 -4.02
C GLY A 45 -30.17 4.26 -3.81
N GLY A 46 -28.95 4.55 -4.24
CA GLY A 46 -28.47 5.91 -4.15
C GLY A 46 -28.02 6.41 -5.51
N ARG A 47 -27.26 7.50 -5.51
CA ARG A 47 -26.63 8.02 -6.72
C ARG A 47 -25.13 7.77 -6.60
N LEU A 48 -24.57 7.10 -7.60
CA LEU A 48 -23.17 6.66 -7.59
C LEU A 48 -22.37 7.44 -8.62
N GLY A 49 -21.20 7.93 -8.22
CA GLY A 49 -20.28 8.60 -9.13
C GLY A 49 -18.91 7.96 -9.10
N VAL A 50 -18.37 7.60 -10.26
CA VAL A 50 -17.10 6.90 -10.34
C VAL A 50 -16.25 7.54 -11.41
N ALA A 51 -14.97 7.73 -11.11
CA ALA A 51 -13.99 8.05 -12.15
C ALA A 51 -12.70 7.29 -11.86
N LEU A 52 -12.33 6.39 -12.78
CA LEU A 52 -11.09 5.64 -12.67
C LEU A 52 -10.17 6.09 -13.78
N ILE A 53 -8.92 6.40 -13.44
CA ILE A 53 -7.89 6.68 -14.42
C ILE A 53 -6.87 5.55 -14.33
N ASN A 54 -6.59 4.90 -15.45
CA ASN A 54 -5.55 3.88 -15.50
C ASN A 54 -4.32 4.54 -16.11
N THR A 55 -3.30 4.77 -15.29
CA THR A 55 -2.11 5.41 -15.86
C THR A 55 -1.36 4.51 -16.84
N ALA A 56 -1.63 3.18 -16.87
CA ALA A 56 -0.96 2.29 -17.80
C ALA A 56 -1.20 2.70 -19.24
N ASP A 57 -2.41 3.18 -19.55
CA ASP A 57 -2.69 3.57 -20.92
C ASP A 57 -3.53 4.84 -20.99
N ASN A 58 -3.75 5.52 -19.87
CA ASN A 58 -4.47 6.77 -19.82
C ASN A 58 -5.96 6.59 -20.01
N SER A 59 -6.44 5.36 -19.97
CA SER A 59 -7.86 5.11 -20.14
C SER A 59 -8.59 5.59 -18.90
N GLN A 60 -9.89 5.81 -19.05
CA GLN A 60 -10.73 6.17 -17.93
C GLN A 60 -11.99 5.34 -17.98
N ILE A 61 -12.53 5.07 -16.81
CA ILE A 61 -13.86 4.52 -16.65
C ILE A 61 -14.65 5.55 -15.87
N LEU A 62 -15.78 5.99 -16.44
CA LEU A 62 -16.55 7.11 -15.92
C LEU A 62 -18.00 6.69 -15.73
N TYR A 63 -18.56 7.04 -14.58
CA TYR A 63 -19.96 6.80 -14.28
C TYR A 63 -20.47 8.02 -13.52
N ARG A 64 -21.36 8.77 -14.17
CA ARG A 64 -21.83 10.07 -13.65
C ARG A 64 -20.65 10.96 -13.27
N ALA A 65 -19.57 10.87 -14.05
CA ALA A 65 -18.31 11.50 -13.67
C ALA A 65 -18.36 13.01 -13.83
N ASP A 66 -19.38 13.56 -14.46
CA ASP A 66 -19.51 15.00 -14.54
C ASP A 66 -20.59 15.57 -13.64
N GLU A 67 -21.30 14.72 -12.89
CA GLU A 67 -22.25 15.21 -11.90
C GLU A 67 -21.55 15.64 -10.62
N ARG A 68 -22.14 16.64 -9.94
CA ARG A 68 -21.58 17.15 -8.70
C ARG A 68 -21.98 16.27 -7.53
N PHE A 69 -21.02 16.02 -6.64
CA PHE A 69 -21.25 15.33 -5.38
C PHE A 69 -20.59 16.13 -4.25
N ALA A 70 -21.22 16.10 -3.07
CA ALA A 70 -20.61 16.67 -1.88
C ALA A 70 -19.33 15.93 -1.56
N MET A 71 -18.21 16.66 -1.47
CA MET A 71 -16.92 16.01 -1.23
C MET A 71 -16.80 15.45 0.18
N CYS A 72 -17.43 16.10 1.14
CA CYS A 72 -17.18 15.86 2.56
C CYS A 72 -15.68 15.79 2.85
N SER A 73 -15.22 14.84 3.68
CA SER A 73 -13.81 14.85 4.11
C SER A 73 -12.82 14.58 2.98
N THR A 74 -13.27 14.16 1.79
CA THR A 74 -12.32 14.06 0.69
C THR A 74 -11.78 15.41 0.26
N SER A 75 -12.47 16.50 0.56
CA SER A 75 -11.92 17.83 0.36
C SER A 75 -10.64 18.07 1.17
N LYS A 76 -10.37 17.26 2.20
CA LYS A 76 -9.18 17.52 3.01
C LYS A 76 -7.90 17.32 2.23
N VAL A 77 -7.93 16.50 1.16
CA VAL A 77 -6.74 16.35 0.37
C VAL A 77 -6.38 17.66 -0.29
N MET A 78 -7.38 18.37 -0.81
CA MET A 78 -7.11 19.66 -1.45
C MET A 78 -6.56 20.69 -0.46
N ALA A 79 -7.09 20.70 0.77
CA ALA A 79 -6.58 21.62 1.80
C ALA A 79 -5.13 21.32 2.16
N ALA A 80 -4.81 20.05 2.45
CA ALA A 80 -3.43 19.68 2.74
C ALA A 80 -2.52 19.97 1.55
N ALA A 81 -3.00 19.71 0.32
CA ALA A 81 -2.21 19.99 -0.88
C ALA A 81 -1.94 21.48 -1.02
N ALA A 82 -2.95 22.33 -0.75
CA ALA A 82 -2.74 23.77 -0.80
C ALA A 82 -1.65 24.21 0.16
N VAL A 83 -1.59 23.60 1.35
CA VAL A 83 -0.53 23.93 2.31
C VAL A 83 0.83 23.45 1.79
N LEU A 84 0.89 22.21 1.25
CA LEU A 84 2.14 21.71 0.68
C LEU A 84 2.65 22.65 -0.42
N LYS A 85 1.74 23.14 -1.28
CA LYS A 85 2.14 24.06 -2.35
C LYS A 85 2.69 25.36 -1.79
N LYS A 86 2.08 25.89 -0.73
CA LYS A 86 2.65 27.10 -0.17
C LYS A 86 4.01 26.84 0.50
N SER A 87 4.23 25.64 1.04
CA SER A 87 5.51 25.32 1.64
C SER A 87 6.64 25.31 0.61
N GLU A 88 6.31 25.24 -0.68
CA GLU A 88 7.34 25.33 -1.71
C GLU A 88 7.96 26.72 -1.75
N SER A 89 7.23 27.75 -1.36
CA SER A 89 7.80 29.09 -1.29
C SER A 89 8.00 29.59 0.13
N GLU A 90 7.61 28.83 1.15
CA GLU A 90 7.87 29.21 2.54
C GLU A 90 8.56 28.00 3.14
N PRO A 91 9.88 27.95 3.07
CA PRO A 91 10.58 26.67 3.17
C PRO A 91 10.19 25.83 4.38
N ASN A 92 9.94 26.45 5.53
CA ASN A 92 9.44 25.60 6.61
C ASN A 92 7.97 25.32 6.41
N LEU A 93 7.18 26.26 6.89
CA LEU A 93 5.72 26.21 6.85
C LEU A 93 5.20 24.96 7.58
N LEU A 94 5.64 23.76 7.18
CA LEU A 94 5.10 22.57 7.83
C LEU A 94 5.47 22.50 9.31
N ASN A 95 6.56 23.17 9.72
CA ASN A 95 6.90 23.24 11.14
C ASN A 95 6.15 24.33 11.89
N GLN A 96 5.45 25.23 11.22
CA GLN A 96 4.76 26.28 11.96
C GLN A 96 3.74 25.68 12.91
N ARG A 97 3.69 26.22 14.12
CA ARG A 97 2.76 25.80 15.16
C ARG A 97 1.45 26.55 15.07
N VAL A 98 0.38 25.84 15.37
CA VAL A 98 -0.98 26.38 15.34
C VAL A 98 -1.61 26.09 16.68
N GLU A 99 -2.13 27.12 17.35
CA GLU A 99 -2.76 26.90 18.65
C GLU A 99 -4.07 26.14 18.51
N ILE A 100 -4.24 25.14 19.37
CA ILE A 100 -5.50 24.42 19.52
C ILE A 100 -6.19 24.92 20.79
N LYS A 101 -7.39 25.44 20.63
CA LYS A 101 -8.21 25.92 21.72
C LYS A 101 -9.39 24.98 21.97
N LYS A 102 -9.68 24.77 23.25
CA LYS A 102 -10.99 24.37 23.76
C LYS A 102 -12.17 24.69 22.82
N SER A 103 -12.35 25.96 22.39
CA SER A 103 -13.49 26.33 21.55
C SER A 103 -13.34 25.83 20.12
N ASP A 104 -12.09 25.61 19.69
CA ASP A 104 -11.82 25.12 18.33
C ASP A 104 -12.50 23.80 18.07
N LEU A 105 -12.71 23.01 19.10
CA LEU A 105 -13.33 21.73 18.82
C LEU A 105 -14.69 21.94 18.16
N VAL A 106 -14.69 21.80 16.82
CA VAL A 106 -15.76 21.17 16.03
C VAL A 106 -16.02 19.89 16.82
N ASN A 107 -16.71 18.87 16.31
CA ASN A 107 -16.08 17.65 16.79
C ASN A 107 -16.46 16.36 16.08
N TYR A 108 -15.59 16.02 15.12
CA TYR A 108 -14.78 14.82 15.17
C TYR A 108 -13.34 15.33 15.09
N ASN A 109 -12.55 15.12 16.14
CA ASN A 109 -11.16 15.57 16.16
C ASN A 109 -10.34 14.71 17.11
N PRO A 110 -10.07 13.47 16.72
CA PRO A 110 -9.37 12.54 17.62
C PRO A 110 -7.92 12.89 17.91
N ILE A 111 -7.28 13.70 17.07
CA ILE A 111 -5.90 14.09 17.32
C ILE A 111 -5.81 15.45 18.00
N ALA A 112 -6.55 16.43 17.49
CA ALA A 112 -6.44 17.80 17.99
C ALA A 112 -6.74 17.84 19.46
N GLU A 113 -7.57 16.94 19.93
CA GLU A 113 -7.75 16.92 21.37
C GLU A 113 -6.53 16.68 22.23
N LYS A 114 -5.55 15.93 21.80
CA LYS A 114 -4.46 15.74 22.74
C LYS A 114 -3.56 16.95 22.81
N HIS A 115 -4.02 18.08 22.24
CA HIS A 115 -3.23 19.30 22.18
C HIS A 115 -4.03 20.55 22.52
N VAL A 116 -5.23 20.43 23.10
CA VAL A 116 -5.92 21.60 23.62
C VAL A 116 -5.02 22.39 24.57
N ASN A 117 -5.04 23.71 24.38
CA ASN A 117 -4.13 24.67 25.01
C ASN A 117 -2.68 24.37 24.70
N GLY A 118 -2.45 23.55 23.68
CA GLY A 118 -1.14 23.39 23.10
C GLY A 118 -1.15 23.84 21.65
N THR A 119 -0.20 23.32 20.88
CA THR A 119 -0.16 23.59 19.45
C THR A 119 0.04 22.29 18.69
N MET A 120 -0.18 22.36 17.38
CA MET A 120 0.20 21.31 16.47
C MET A 120 0.88 21.95 15.27
N SER A 121 1.91 21.30 14.73
CA SER A 121 2.49 21.82 13.50
C SER A 121 1.51 21.64 12.35
N LEU A 122 1.71 22.44 11.31
CA LEU A 122 0.97 22.20 10.07
C LEU A 122 1.20 20.79 9.52
N ALA A 123 2.40 20.22 9.68
CA ALA A 123 2.62 18.83 9.28
C ALA A 123 1.72 17.90 10.07
N GLU A 124 1.63 18.15 11.38
CA GLU A 124 0.80 17.30 12.25
C GLU A 124 -0.68 17.49 11.95
N LEU A 125 -1.09 18.72 11.61
CA LEU A 125 -2.49 18.93 11.28
C LEU A 125 -2.84 18.29 9.95
N SER A 126 -1.92 18.38 8.98
CA SER A 126 -2.12 17.69 7.69
C SER A 126 -2.30 16.19 7.90
N ALA A 127 -1.40 15.58 8.67
CA ALA A 127 -1.45 14.15 8.93
C ALA A 127 -2.74 13.79 9.63
N ALA A 128 -3.12 14.60 10.63
CA ALA A 128 -4.33 14.32 11.39
C ALA A 128 -5.56 14.42 10.51
N ALA A 129 -5.65 15.49 9.69
CA ALA A 129 -6.77 15.61 8.78
C ALA A 129 -6.82 14.44 7.79
N LEU A 130 -5.67 14.03 7.26
CA LEU A 130 -5.67 13.06 6.17
C LEU A 130 -5.81 11.63 6.67
N GLN A 131 -5.23 11.31 7.83
CA GLN A 131 -5.16 9.93 8.29
C GLN A 131 -6.17 9.58 9.36
N TYR A 132 -6.73 10.57 10.08
CA TYR A 132 -7.81 10.32 11.04
C TYR A 132 -9.07 11.12 10.73
N SER A 133 -9.09 11.86 9.63
CA SER A 133 -10.22 12.69 9.24
C SER A 133 -10.58 13.68 10.35
N ASP A 134 -9.57 14.14 11.09
CA ASP A 134 -9.74 15.11 12.17
C ASP A 134 -10.34 16.41 11.63
N ASN A 135 -11.45 16.85 12.22
CA ASN A 135 -12.11 18.00 11.64
C ASN A 135 -11.53 19.33 12.12
N VAL A 136 -10.97 19.37 13.33
CA VAL A 136 -10.27 20.57 13.76
C VAL A 136 -9.06 20.80 12.87
N ALA A 137 -8.32 19.72 12.58
CA ALA A 137 -7.15 19.82 11.71
C ALA A 137 -7.53 20.43 10.36
N MET A 138 -8.64 19.96 9.76
CA MET A 138 -9.12 20.55 8.52
C MET A 138 -9.36 22.05 8.66
N ASN A 139 -10.09 22.47 9.70
CA ASN A 139 -10.37 23.89 9.90
C ASN A 139 -9.08 24.68 10.01
N LYS A 140 -8.08 24.12 10.70
CA LYS A 140 -6.80 24.83 10.79
C LYS A 140 -6.13 24.97 9.43
N LEU A 141 -6.18 23.91 8.60
CA LEU A 141 -5.60 24.02 7.26
C LEU A 141 -6.33 25.07 6.45
N ILE A 142 -7.67 25.05 6.48
CA ILE A 142 -8.45 26.02 5.72
C ILE A 142 -8.09 27.42 6.16
N ALA A 143 -8.15 27.67 7.47
CA ALA A 143 -7.82 28.99 7.98
C ALA A 143 -6.46 29.43 7.48
N HIS A 144 -5.55 28.50 7.31
CA HIS A 144 -4.17 28.91 7.20
C HIS A 144 -3.85 29.35 5.81
N VAL A 145 -4.54 28.78 4.83
CA VAL A 145 -4.38 29.21 3.44
C VAL A 145 -5.23 30.42 3.16
N GLY A 146 -6.18 30.74 4.03
CA GLY A 146 -6.92 31.97 3.86
C GLY A 146 -8.41 31.81 3.85
N GLY A 147 -8.91 30.61 4.13
CA GLY A 147 -10.34 30.36 4.10
C GLY A 147 -10.74 29.50 2.91
N PRO A 148 -12.00 29.06 2.87
CA PRO A 148 -12.44 28.16 1.79
C PRO A 148 -12.19 28.71 0.40
N ALA A 149 -12.36 30.01 0.18
CA ALA A 149 -12.15 30.55 -1.16
C ALA A 149 -10.70 30.41 -1.57
N SER A 150 -9.77 30.51 -0.65
CA SER A 150 -8.37 30.30 -0.99
CA SER A 150 -8.41 30.32 -1.10
C SER A 150 -8.08 28.84 -1.35
N VAL A 151 -8.76 27.90 -0.65
CA VAL A 151 -8.61 26.51 -1.08
C VAL A 151 -9.15 26.34 -2.49
N THR A 152 -10.31 26.94 -2.77
CA THR A 152 -10.85 26.89 -4.13
C THR A 152 -9.89 27.51 -5.12
N ALA A 153 -9.25 28.62 -4.74
CA ALA A 153 -8.30 29.25 -5.65
C ALA A 153 -7.11 28.35 -5.94
N PHE A 154 -6.65 27.59 -4.95
CA PHE A 154 -5.56 26.65 -5.20
C PHE A 154 -5.99 25.61 -6.24
N ALA A 155 -7.22 25.11 -6.12
CA ALA A 155 -7.75 24.18 -7.09
C ALA A 155 -7.74 24.78 -8.48
N ARG A 156 -8.14 26.06 -8.59
CA ARG A 156 -8.15 26.72 -9.90
C ARG A 156 -6.75 26.81 -10.48
N GLN A 157 -5.76 27.14 -9.64
CA GLN A 157 -4.38 27.19 -10.12
C GLN A 157 -3.90 25.83 -10.63
N LEU A 158 -4.49 24.73 -10.15
CA LEU A 158 -4.20 23.41 -10.70
C LEU A 158 -4.98 23.10 -11.97
N GLY A 159 -5.79 24.04 -12.46
CA GLY A 159 -6.63 23.76 -13.60
C GLY A 159 -7.91 23.04 -13.25
N ASP A 160 -8.22 22.86 -11.98
CA ASP A 160 -9.49 22.28 -11.58
C ASP A 160 -10.53 23.40 -11.50
N GLU A 161 -11.46 23.38 -12.45
CA GLU A 161 -12.48 24.39 -12.67
C GLU A 161 -13.80 24.02 -11.99
N THR A 162 -13.86 22.84 -11.38
CA THR A 162 -15.08 22.26 -10.83
C THR A 162 -15.13 22.28 -9.31
N PHE A 163 -14.02 21.97 -8.66
CA PHE A 163 -13.93 21.97 -7.21
C PHE A 163 -14.41 23.30 -6.62
N ARG A 164 -15.25 23.22 -5.59
CA ARG A 164 -15.55 24.43 -4.82
C ARG A 164 -15.68 24.06 -3.34
N LEU A 165 -14.94 24.77 -2.51
CA LEU A 165 -15.04 24.65 -1.06
C LEU A 165 -15.67 25.93 -0.54
N ASP A 166 -16.76 25.80 0.19
CA ASP A 166 -17.57 26.93 0.59
C ASP A 166 -17.66 27.12 2.09
N ARG A 167 -17.57 26.05 2.87
CA ARG A 167 -17.80 26.12 4.30
C ARG A 167 -16.67 25.43 5.02
N THR A 168 -16.72 25.49 6.34
CA THR A 168 -15.75 24.85 7.21
C THR A 168 -16.34 23.58 7.78
N GLU A 169 -15.56 22.89 8.62
CA GLU A 169 -16.05 21.78 9.43
C GLU A 169 -16.89 22.32 10.59
N PRO A 170 -18.05 21.71 10.88
CA PRO A 170 -18.56 20.49 10.26
C PRO A 170 -19.61 20.73 9.19
N THR A 171 -19.99 21.99 8.92
CA THR A 171 -21.14 22.16 8.04
C THR A 171 -20.87 21.75 6.59
N LEU A 172 -19.61 21.66 6.17
CA LEU A 172 -19.37 21.35 4.75
C LEU A 172 -19.82 19.93 4.39
N ASN A 173 -20.21 19.13 5.36
CA ASN A 173 -20.63 17.75 5.13
C ASN A 173 -22.14 17.58 5.08
N THR A 174 -22.91 18.67 5.02
CA THR A 174 -24.36 18.51 5.01
C THR A 174 -24.81 17.65 3.84
N ALA A 175 -24.19 17.83 2.66
CA ALA A 175 -24.40 16.95 1.51
C ALA A 175 -25.86 16.95 1.06
N ILE A 176 -26.47 18.13 0.99
CA ILE A 176 -27.89 18.22 0.64
C ILE A 176 -28.07 18.11 -0.87
N PRO A 177 -29.00 17.28 -1.33
CA PRO A 177 -29.23 17.15 -2.77
C PRO A 177 -29.55 18.50 -3.40
N GLY A 178 -29.02 18.72 -4.60
CA GLY A 178 -29.17 19.99 -5.27
C GLY A 178 -28.26 21.11 -4.79
N ASP A 179 -27.65 20.95 -3.62
CA ASP A 179 -26.78 21.99 -3.06
C ASP A 179 -25.38 21.88 -3.67
N PRO A 180 -24.96 22.87 -4.46
CA PRO A 180 -23.63 22.82 -5.07
C PRO A 180 -22.48 23.20 -4.15
N ARG A 181 -22.75 23.59 -2.91
CA ARG A 181 -21.69 23.99 -2.00
C ARG A 181 -20.83 22.78 -1.64
N ASP A 182 -19.51 22.99 -1.64
CA ASP A 182 -18.57 21.96 -1.20
C ASP A 182 -18.68 20.71 -2.06
N THR A 183 -18.82 20.91 -3.37
CA THR A 183 -18.93 19.78 -4.28
C THR A 183 -17.80 19.76 -5.30
N THR A 184 -17.67 18.62 -5.97
CA THR A 184 -16.89 18.52 -7.18
C THR A 184 -17.44 17.36 -8.00
N SER A 185 -16.85 17.12 -9.15
CA SER A 185 -17.23 15.96 -9.95
C SER A 185 -16.18 14.87 -9.84
N PRO A 186 -16.58 13.60 -10.03
CA PRO A 186 -15.60 12.51 -9.99
C PRO A 186 -14.47 12.69 -11.00
N ARG A 187 -14.80 13.14 -12.21
CA ARG A 187 -13.77 13.35 -13.23
C ARG A 187 -12.79 14.41 -12.79
N ALA A 188 -13.29 15.55 -12.27
CA ALA A 188 -12.42 16.64 -11.84
C ALA A 188 -11.54 16.18 -10.70
N MET A 189 -12.14 15.52 -9.70
CA MET A 189 -11.37 15.09 -8.55
C MET A 189 -10.33 14.02 -8.92
N ALA A 190 -10.68 13.11 -9.84
CA ALA A 190 -9.70 12.10 -10.29
C ALA A 190 -8.54 12.77 -11.02
N GLN A 191 -8.81 13.68 -11.96
CA GLN A 191 -7.68 14.32 -12.63
C GLN A 191 -6.84 15.11 -11.65
N THR A 192 -7.47 15.86 -10.72
CA THR A 192 -6.70 16.63 -9.76
C THR A 192 -5.88 15.71 -8.87
N LEU A 193 -6.49 14.63 -8.39
CA LEU A 193 -5.74 13.72 -7.54
C LEU A 193 -4.56 13.11 -8.31
N ARG A 194 -4.74 12.83 -9.60
CA ARG A 194 -3.62 12.35 -10.40
C ARG A 194 -2.49 13.38 -10.42
N ASN A 195 -2.82 14.63 -10.75
CA ASN A 195 -1.82 15.69 -10.81
C ASN A 195 -1.11 15.88 -9.47
N LEU A 196 -1.83 15.70 -8.37
CA LEU A 196 -1.25 15.92 -7.03
C LEU A 196 -0.37 14.76 -6.59
N THR A 197 -0.82 13.52 -6.77
CA THR A 197 -0.09 12.40 -6.19
C THR A 197 0.92 11.76 -7.15
N LEU A 198 0.75 11.96 -8.43
CA LEU A 198 1.59 11.34 -9.44
C LEU A 198 2.18 12.35 -10.40
N GLY A 199 1.42 13.40 -10.73
CA GLY A 199 1.88 14.44 -11.64
C GLY A 199 2.75 15.47 -10.97
N LYS A 200 2.86 16.64 -11.59
CA LYS A 200 3.79 17.64 -11.08
C LYS A 200 3.11 18.90 -10.57
N ALA A 201 1.88 18.78 -10.04
CA ALA A 201 1.22 19.90 -9.38
C ALA A 201 2.04 20.38 -8.19
N LEU A 202 2.67 19.45 -7.48
CA LEU A 202 3.51 19.71 -6.33
C LEU A 202 4.96 19.40 -6.68
N GLY A 203 5.86 20.00 -5.92
CA GLY A 203 7.24 19.58 -5.98
C GLY A 203 7.42 18.14 -5.56
N ASP A 204 8.55 17.58 -5.95
CA ASP A 204 8.79 16.16 -5.75
C ASP A 204 8.71 15.81 -4.28
N SER A 205 9.36 16.63 -3.46
CA SER A 205 9.30 16.53 -2.00
C SER A 205 7.86 16.59 -1.48
N GLN A 206 7.07 17.55 -1.98
CA GLN A 206 5.70 17.71 -1.47
C GLN A 206 4.78 16.59 -1.98
N ARG A 207 4.91 16.22 -3.26
CA ARG A 207 4.22 15.06 -3.79
CA ARG A 207 4.19 15.07 -3.76
C ARG A 207 4.45 13.83 -2.89
N ALA A 208 5.71 13.55 -2.59
CA ALA A 208 6.03 12.37 -1.80
C ALA A 208 5.41 12.45 -0.41
N GLN A 209 5.42 13.65 0.18
CA GLN A 209 4.80 13.83 1.50
C GLN A 209 3.30 13.53 1.44
N LEU A 210 2.60 14.02 0.41
CA LEU A 210 1.17 13.75 0.29
C LEU A 210 0.91 12.26 0.14
N VAL A 211 1.72 11.57 -0.68
CA VAL A 211 1.52 10.14 -0.90
C VAL A 211 1.75 9.39 0.40
N THR A 212 2.81 9.76 1.14
CA THR A 212 3.07 9.13 2.43
C THR A 212 1.89 9.28 3.37
N TRP A 213 1.37 10.51 3.48
CA TRP A 213 0.21 10.77 4.34
C TRP A 213 -0.99 9.90 3.96
N MET A 214 -1.36 9.89 2.67
CA MET A 214 -2.55 9.15 2.27
C MET A 214 -2.36 7.65 2.43
N LYS A 215 -1.14 7.15 2.18
CA LYS A 215 -0.85 5.74 2.41
C LYS A 215 -0.99 5.38 3.87
N GLY A 216 -0.77 6.35 4.77
CA GLY A 216 -0.94 6.13 6.19
C GLY A 216 -2.34 6.35 6.70
N ASN A 217 -3.33 6.49 5.81
CA ASN A 217 -4.71 6.68 6.24
C ASN A 217 -5.19 5.51 7.08
N THR A 218 -5.94 5.81 8.14
CA THR A 218 -6.49 4.76 8.99
C THR A 218 -7.99 4.57 8.81
N THR A 219 -8.67 5.40 8.02
CA THR A 219 -10.13 5.38 7.95
C THR A 219 -10.70 4.65 6.73
N GLY A 220 -9.87 4.10 5.86
CA GLY A 220 -10.39 3.64 4.58
C GLY A 220 -10.43 2.15 4.32
N ALA A 221 -10.29 1.33 5.36
CA ALA A 221 -10.17 -0.11 5.14
C ALA A 221 -11.44 -0.71 4.55
N ALA A 222 -12.61 -0.16 4.87
CA ALA A 222 -13.89 -0.69 4.44
C ALA A 222 -14.41 -0.06 3.15
N SER A 223 -13.68 0.88 2.57
CA SER A 223 -14.16 1.61 1.37
C SER A 223 -13.45 1.04 0.16
N ILE A 224 -12.79 1.85 -0.67
CA ILE A 224 -12.18 1.35 -1.90
C ILE A 224 -11.29 0.14 -1.62
N GLN A 225 -10.52 0.18 -0.53
CA GLN A 225 -9.57 -0.90 -0.23
C GLN A 225 -10.26 -2.25 -0.10
N ALA A 226 -11.45 -2.27 0.48
CA ALA A 226 -12.20 -3.50 0.66
C ALA A 226 -12.53 -4.20 -0.66
N GLY A 227 -12.49 -3.49 -1.79
CA GLY A 227 -12.83 -4.03 -3.09
C GLY A 227 -11.65 -4.38 -3.96
N LEU A 228 -10.44 -4.24 -3.46
CA LEU A 228 -9.19 -4.43 -4.18
C LEU A 228 -8.44 -5.64 -3.63
N PRO A 229 -7.69 -6.36 -4.48
CA PRO A 229 -6.82 -7.42 -3.96
C PRO A 229 -6.02 -6.93 -2.77
N ALA A 230 -5.85 -7.81 -1.80
CA ALA A 230 -5.25 -7.41 -0.54
C ALA A 230 -3.81 -6.94 -0.72
N SER A 231 -3.13 -7.41 -1.77
CA SER A 231 -1.72 -7.07 -1.94
C SER A 231 -1.52 -5.66 -2.49
N TRP A 232 -2.56 -5.04 -3.05
CA TRP A 232 -2.42 -3.72 -3.67
C TRP A 232 -2.26 -2.62 -2.62
N VAL A 233 -1.34 -1.69 -2.90
CA VAL A 233 -1.05 -0.58 -1.99
C VAL A 233 -1.97 0.59 -2.33
N VAL A 234 -2.61 1.17 -1.32
CA VAL A 234 -3.62 2.20 -1.51
C VAL A 234 -3.25 3.39 -0.64
N GLY A 235 -3.30 4.58 -1.23
CA GLY A 235 -3.37 5.80 -0.43
C GLY A 235 -4.72 6.42 -0.70
N ASP A 236 -5.54 6.65 0.33
CA ASP A 236 -6.91 7.10 0.10
C ASP A 236 -7.33 8.10 1.17
N LYS A 237 -8.36 8.88 0.83
CA LYS A 237 -9.04 9.75 1.78
C LYS A 237 -10.53 9.50 1.68
N THR A 238 -11.14 9.08 2.79
CA THR A 238 -12.58 8.83 2.86
C THR A 238 -13.33 10.15 3.12
N GLY A 239 -14.65 10.09 2.99
CA GLY A 239 -15.49 11.16 3.48
C GLY A 239 -16.87 10.62 3.74
N SER A 240 -17.60 11.30 4.64
CA SER A 240 -18.95 10.88 4.97
C SER A 240 -19.73 12.12 5.37
N GLY A 241 -21.05 12.05 5.21
CA GLY A 241 -21.86 13.22 5.49
C GLY A 241 -23.33 12.89 5.53
N GLY A 242 -24.15 13.94 5.52
CA GLY A 242 -25.59 13.77 5.54
C GLY A 242 -26.06 13.05 4.29
N TYR A 243 -27.30 12.56 4.35
CA TYR A 243 -27.88 11.82 3.23
C TYR A 243 -27.09 10.55 2.94
N GLY A 244 -26.50 9.98 3.99
CA GLY A 244 -25.75 8.75 3.85
C GLY A 244 -24.62 8.88 2.85
N THR A 245 -24.07 10.07 2.70
CA THR A 245 -22.99 10.27 1.74
C THR A 245 -21.75 9.52 2.22
N THR A 246 -21.16 8.75 1.32
CA THR A 246 -20.02 7.90 1.63
C THR A 246 -19.07 8.01 0.45
N ASN A 247 -17.85 8.50 0.71
CA ASN A 247 -16.91 8.86 -0.34
C ASN A 247 -15.55 8.24 -0.08
N ASP A 248 -14.77 8.13 -1.15
CA ASP A 248 -13.38 7.70 -1.09
C ASP A 248 -12.69 8.12 -2.38
N ILE A 249 -11.48 8.67 -2.24
CA ILE A 249 -10.64 8.97 -3.38
C ILE A 249 -9.28 8.36 -3.09
N ALA A 250 -8.70 7.70 -4.10
CA ALA A 250 -7.55 6.86 -3.84
C ALA A 250 -6.58 6.90 -5.00
N VAL A 251 -5.29 6.82 -4.67
CA VAL A 251 -4.24 6.42 -5.59
C VAL A 251 -3.82 5.00 -5.22
N ILE A 252 -3.70 4.14 -6.23
CA ILE A 252 -3.60 2.70 -6.04
C ILE A 252 -2.43 2.18 -6.86
N TRP A 253 -1.48 1.49 -6.22
CA TRP A 253 -0.39 0.85 -6.95
C TRP A 253 -0.62 -0.66 -6.87
N PRO A 254 -1.28 -1.26 -7.86
CA PRO A 254 -1.29 -2.71 -7.92
C PRO A 254 0.10 -3.17 -8.30
N LYS A 255 0.55 -4.29 -7.75
CA LYS A 255 1.95 -4.57 -7.99
C LYS A 255 2.13 -5.09 -9.39
N ASP A 256 3.31 -4.82 -9.91
CA ASP A 256 3.70 -5.08 -11.28
C ASP A 256 2.80 -4.34 -12.24
N ARG A 257 2.14 -3.30 -11.73
CA ARG A 257 1.22 -2.52 -12.53
CA ARG A 257 1.23 -2.52 -12.55
C ARG A 257 1.51 -1.03 -12.39
N ALA A 258 1.07 -0.25 -13.40
CA ALA A 258 1.05 1.19 -13.32
C ALA A 258 -0.07 1.61 -12.37
N PRO A 259 0.09 2.72 -11.67
CA PRO A 259 -0.91 3.11 -10.66
C PRO A 259 -2.26 3.51 -11.27
N LEU A 260 -3.29 3.38 -10.44
CA LEU A 260 -4.63 3.84 -10.75
C LEU A 260 -5.02 5.01 -9.81
N ILE A 261 -5.81 5.94 -10.34
CA ILE A 261 -6.52 6.93 -9.54
C ILE A 261 -7.98 6.53 -9.58
N LEU A 262 -8.62 6.41 -8.42
CA LEU A 262 -10.03 6.05 -8.37
C LEU A 262 -10.78 6.98 -7.41
N VAL A 263 -11.86 7.59 -7.92
CA VAL A 263 -12.80 8.36 -7.11
C VAL A 263 -14.12 7.63 -7.11
N THR A 264 -14.67 7.37 -5.92
CA THR A 264 -15.99 6.78 -5.75
C THR A 264 -16.79 7.69 -4.80
N TYR A 265 -17.86 8.28 -5.31
CA TYR A 265 -18.75 9.13 -4.54
C TYR A 265 -20.12 8.48 -4.50
N PHE A 266 -20.78 8.52 -3.35
CA PHE A 266 -22.08 7.87 -3.23
C PHE A 266 -22.96 8.64 -2.28
N THR A 267 -24.17 8.95 -2.72
CA THR A 267 -25.11 9.66 -1.86
C THR A 267 -26.50 9.07 -2.02
N GLN A 268 -27.33 9.29 -1.02
CA GLN A 268 -28.61 8.63 -0.89
C GLN A 268 -29.72 9.66 -0.73
N PRO A 269 -30.98 9.23 -0.82
CA PRO A 269 -32.06 10.21 -0.75
C PRO A 269 -32.57 10.47 0.68
N GLN A 270 -32.34 9.52 1.75
CA GLN A 270 -33.04 9.97 2.97
C GLN A 270 -32.01 10.81 3.76
N PRO A 271 -32.42 11.89 4.43
CA PRO A 271 -31.47 12.69 5.22
C PRO A 271 -30.61 11.92 6.22
N LYS A 272 -31.12 10.85 6.84
CA LYS A 272 -30.34 10.14 7.85
C LYS A 272 -30.02 8.71 7.42
N ALA A 273 -29.92 8.47 6.11
CA ALA A 273 -29.41 7.21 5.59
C ALA A 273 -28.09 6.85 6.27
N GLU A 274 -27.86 5.56 6.42
CA GLU A 274 -26.60 5.15 7.03
C GLU A 274 -25.50 5.05 5.96
N SER A 275 -24.27 5.14 6.42
CA SER A 275 -23.13 5.02 5.53
C SER A 275 -23.16 3.69 4.79
N ARG A 276 -22.67 3.69 3.56
CA ARG A 276 -22.60 2.48 2.73
C ARG A 276 -21.19 2.37 2.14
N ARG A 277 -20.20 2.17 3.02
CA ARG A 277 -18.84 2.05 2.51
C ARG A 277 -18.67 0.82 1.64
N ASP A 278 -19.53 -0.19 1.82
CA ASP A 278 -19.50 -1.40 1.00
C ASP A 278 -19.85 -1.10 -0.46
N VAL A 279 -20.66 -0.08 -0.70
CA VAL A 279 -20.96 0.31 -2.07
C VAL A 279 -19.69 0.79 -2.77
N LEU A 280 -18.85 1.53 -2.06
CA LEU A 280 -17.59 1.98 -2.63
C LEU A 280 -16.67 0.80 -2.90
N ALA A 281 -16.61 -0.15 -1.96
CA ALA A 281 -15.83 -1.37 -2.19
C ALA A 281 -16.32 -2.12 -3.44
N SER A 282 -17.64 -2.24 -3.61
CA SER A 282 -18.19 -2.94 -4.75
C SER A 282 -17.85 -2.19 -6.04
N ALA A 283 -18.05 -0.87 -6.05
CA ALA A 283 -17.66 -0.05 -7.19
C ALA A 283 -16.20 -0.26 -7.55
N ALA A 284 -15.33 -0.30 -6.53
CA ALA A 284 -13.90 -0.49 -6.77
C ALA A 284 -13.61 -1.87 -7.39
N LYS A 285 -14.17 -2.94 -6.83
CA LYS A 285 -14.09 -4.26 -7.45
C LYS A 285 -14.52 -4.23 -8.92
N ILE A 286 -15.68 -3.62 -9.19
CA ILE A 286 -16.24 -3.62 -10.54
C ILE A 286 -15.27 -2.95 -11.51
N VAL A 287 -14.76 -1.77 -11.18
CA VAL A 287 -13.98 -1.04 -12.18
C VAL A 287 -12.53 -1.51 -12.24
N THR A 288 -12.04 -2.23 -11.22
CA THR A 288 -10.69 -2.79 -11.33
C THR A 288 -10.70 -4.21 -11.89
N ASP A 289 -11.88 -4.76 -12.14
CA ASP A 289 -12.02 -6.04 -12.80
C ASP A 289 -11.52 -5.93 -14.24
N GLY A 290 -10.85 -6.97 -14.72
CA GLY A 290 -10.03 -6.80 -15.88
C GLY A 290 -8.67 -6.21 -15.58
N LEU A 291 -8.40 -5.96 -14.31
CA LEU A 291 -7.11 -5.42 -13.90
C LEU A 291 -6.77 -6.06 -12.56
N PRO B 28 17.94 24.98 -30.32
CA PRO B 28 19.24 25.39 -29.78
C PRO B 28 19.54 24.77 -28.42
N LEU B 29 19.03 25.37 -27.33
CA LEU B 29 19.31 24.96 -25.94
C LEU B 29 18.02 24.83 -25.14
N THR B 30 17.54 23.63 -25.07
CA THR B 30 16.55 23.17 -24.13
C THR B 30 17.28 22.14 -23.25
N ALA B 31 16.55 21.35 -22.44
CA ALA B 31 16.75 19.93 -22.65
C ALA B 31 18.22 19.56 -22.45
N ASP B 32 18.69 19.67 -21.21
CA ASP B 32 20.04 19.20 -20.92
C ASP B 32 20.08 17.70 -20.72
N VAL B 33 18.91 17.08 -20.52
CA VAL B 33 18.82 15.65 -20.82
C VAL B 33 19.15 15.42 -22.29
N GLN B 34 18.58 16.23 -23.19
CA GLN B 34 18.89 16.05 -24.60
C GLN B 34 20.36 16.31 -24.88
N GLN B 35 20.93 17.33 -24.23
CA GLN B 35 22.36 17.62 -24.43
C GLN B 35 23.24 16.52 -23.86
N LYS B 36 22.85 15.99 -22.70
CA LYS B 36 23.59 14.88 -22.10
C LYS B 36 23.56 13.65 -23.00
N LEU B 37 22.40 13.34 -23.58
CA LEU B 37 22.32 12.19 -24.49
C LEU B 37 23.12 12.43 -25.75
N ALA B 38 23.00 13.63 -26.32
CA ALA B 38 23.83 13.99 -27.47
C ALA B 38 25.32 13.83 -27.14
N GLU B 39 25.74 14.25 -25.92
CA GLU B 39 27.14 14.09 -25.55
C GLU B 39 27.52 12.63 -25.51
N LEU B 40 26.71 11.86 -24.78
CA LEU B 40 26.96 10.45 -24.62
C LEU B 40 27.10 9.78 -25.99
N GLU B 41 26.18 10.10 -26.90
CA GLU B 41 26.19 9.45 -28.21
C GLU B 41 27.49 9.73 -28.93
N ARG B 42 27.87 10.99 -28.93
CA ARG B 42 29.01 11.48 -29.68
C ARG B 42 30.31 10.96 -29.08
N GLN B 43 30.40 11.02 -27.77
CA GLN B 43 31.50 10.42 -27.03
C GLN B 43 31.62 8.92 -27.27
N SER B 44 30.50 8.20 -27.34
CA SER B 44 30.58 6.77 -27.59
C SER B 44 30.66 6.42 -29.07
N GLY B 45 30.60 7.40 -29.96
CA GLY B 45 30.90 7.14 -31.35
C GLY B 45 29.94 6.23 -32.08
N GLY B 46 28.72 6.07 -31.58
CA GLY B 46 27.74 5.30 -32.31
C GLY B 46 26.49 6.12 -32.54
N ARG B 47 25.41 5.45 -32.91
CA ARG B 47 24.09 6.06 -33.02
C ARG B 47 23.23 5.54 -31.88
N LEU B 48 22.67 6.46 -31.09
CA LEU B 48 21.92 6.14 -29.89
C LEU B 48 20.44 6.44 -30.07
N GLY B 49 19.59 5.52 -29.67
CA GLY B 49 18.15 5.73 -29.70
C GLY B 49 17.53 5.47 -28.34
N VAL B 50 16.75 6.42 -27.84
CA VAL B 50 16.18 6.32 -26.50
C VAL B 50 14.72 6.70 -26.56
N ALA B 51 13.88 5.93 -25.86
CA ALA B 51 12.50 6.36 -25.59
C ALA B 51 12.15 5.97 -24.16
N LEU B 52 11.88 6.96 -23.33
CA LEU B 52 11.45 6.74 -21.96
C LEU B 52 10.02 7.19 -21.84
N ILE B 53 9.17 6.36 -21.26
CA ILE B 53 7.81 6.74 -20.91
C ILE B 53 7.71 6.74 -19.39
N ASN B 54 7.28 7.86 -18.82
CA ASN B 54 7.04 7.94 -17.39
C ASN B 54 5.54 7.79 -17.17
N THR B 55 5.12 6.65 -16.63
CA THR B 55 3.69 6.48 -16.42
C THR B 55 3.13 7.41 -15.36
N ALA B 56 3.98 8.03 -14.51
CA ALA B 56 3.48 8.95 -13.47
C ALA B 56 2.71 10.11 -14.08
N ASP B 57 3.16 10.60 -15.24
CA ASP B 57 2.47 11.72 -15.86
C ASP B 57 2.36 11.58 -17.37
N ASN B 58 2.75 10.44 -17.92
CA ASN B 58 2.62 10.15 -19.34
C ASN B 58 3.66 10.89 -20.15
N SER B 59 4.65 11.51 -19.51
CA SER B 59 5.68 12.23 -20.22
C SER B 59 6.58 11.24 -20.95
N GLN B 60 7.28 11.73 -21.94
CA GLN B 60 8.26 10.91 -22.64
C GLN B 60 9.54 11.71 -22.81
N ILE B 61 10.64 10.99 -22.83
CA ILE B 61 11.92 11.54 -23.22
C ILE B 61 12.36 10.74 -24.44
N LEU B 62 12.63 11.44 -25.53
CA LEU B 62 12.86 10.83 -26.84
C LEU B 62 14.18 11.32 -27.41
N TYR B 63 14.97 10.39 -27.92
CA TYR B 63 16.22 10.72 -28.59
C TYR B 63 16.34 9.78 -29.78
N ARG B 64 16.25 10.34 -31.00
CA ARG B 64 16.18 9.55 -32.23
C ARG B 64 15.11 8.48 -32.13
N ALA B 65 14.01 8.81 -31.46
CA ALA B 65 13.00 7.82 -31.13
C ALA B 65 12.19 7.38 -32.33
N ASP B 66 12.30 8.06 -33.46
CA ASP B 66 11.61 7.62 -34.66
C ASP B 66 12.55 7.00 -35.70
N GLU B 67 13.85 6.92 -35.42
CA GLU B 67 14.76 6.21 -36.30
C GLU B 67 14.71 4.71 -36.06
N ARG B 68 14.95 3.95 -37.14
CA ARG B 68 14.94 2.49 -37.07
C ARG B 68 16.25 1.97 -36.52
N PHE B 69 16.16 0.97 -35.64
CA PHE B 69 17.31 0.24 -35.13
C PHE B 69 17.02 -1.26 -35.24
N ALA B 70 18.07 -2.04 -35.50
CA ALA B 70 17.96 -3.50 -35.44
C ALA B 70 17.61 -3.92 -34.03
N MET B 71 16.51 -4.66 -33.87
CA MET B 71 16.07 -5.06 -32.54
C MET B 71 16.98 -6.09 -31.90
N CYS B 72 17.58 -6.95 -32.71
CA CYS B 72 18.25 -8.16 -32.23
C CYS B 72 17.38 -8.89 -31.20
N SER B 73 17.96 -9.40 -30.10
CA SER B 73 17.19 -10.25 -29.18
C SER B 73 16.07 -9.51 -28.46
N THR B 74 16.00 -8.18 -28.52
CA THR B 74 14.83 -7.52 -27.96
C THR B 74 13.54 -7.87 -28.70
N SER B 75 13.63 -8.31 -29.95
CA SER B 75 12.46 -8.85 -30.65
C SER B 75 11.86 -10.06 -29.94
N LYS B 76 12.60 -10.72 -29.05
CA LYS B 76 12.05 -11.93 -28.42
C LYS B 76 10.88 -11.62 -27.54
N VAL B 77 10.76 -10.39 -27.03
CA VAL B 77 9.60 -10.05 -26.23
C VAL B 77 8.35 -10.13 -27.08
N MET B 78 8.42 -9.61 -28.31
CA MET B 78 7.26 -9.65 -29.19
C MET B 78 6.86 -11.08 -29.54
N ALA B 79 7.84 -11.97 -29.77
CA ALA B 79 7.56 -13.37 -30.06
C ALA B 79 6.87 -14.05 -28.89
N ALA B 80 7.45 -13.93 -27.68
CA ALA B 80 6.82 -14.50 -26.49
C ALA B 80 5.43 -13.90 -26.25
N ALA B 81 5.28 -12.59 -26.48
CA ALA B 81 3.97 -11.95 -26.31
C ALA B 81 2.96 -12.49 -27.30
N ALA B 82 3.37 -12.71 -28.56
CA ALA B 82 2.46 -13.29 -29.54
C ALA B 82 1.97 -14.66 -29.10
N VAL B 83 2.84 -15.46 -28.47
CA VAL B 83 2.42 -16.77 -27.98
C VAL B 83 1.46 -16.61 -26.80
N LEU B 84 1.77 -15.70 -25.86
CA LEU B 84 0.86 -15.44 -24.75
C LEU B 84 -0.53 -15.04 -25.25
N LYS B 85 -0.58 -14.17 -26.27
CA LYS B 85 -1.87 -13.75 -26.84
C LYS B 85 -2.62 -14.92 -27.43
N LYS B 86 -1.93 -15.83 -28.13
CA LYS B 86 -2.66 -16.97 -28.65
C LYS B 86 -3.13 -17.90 -27.54
N SER B 87 -2.40 -17.98 -26.42
CA SER B 87 -2.83 -18.81 -25.30
C SER B 87 -4.13 -18.31 -24.69
N GLU B 88 -4.52 -17.06 -24.96
CA GLU B 88 -5.80 -16.57 -24.48
C GLU B 88 -6.97 -17.29 -25.15
N SER B 89 -6.78 -17.77 -26.38
CA SER B 89 -7.82 -18.53 -27.04
C SER B 89 -7.50 -20.02 -27.17
N GLU B 90 -6.32 -20.47 -26.73
CA GLU B 90 -5.98 -21.89 -26.73
C GLU B 90 -5.54 -22.18 -25.31
N PRO B 91 -6.48 -22.54 -24.44
CA PRO B 91 -6.26 -22.37 -23.00
C PRO B 91 -4.95 -22.96 -22.49
N ASN B 92 -4.50 -24.09 -23.01
CA ASN B 92 -3.18 -24.52 -22.58
C ASN B 92 -2.12 -23.75 -23.30
N LEU B 93 -1.80 -24.23 -24.49
CA LEU B 93 -0.77 -23.69 -25.36
C LEU B 93 0.58 -23.65 -24.66
N LEU B 94 0.68 -23.01 -23.50
CA LEU B 94 1.99 -22.91 -22.86
C LEU B 94 2.53 -24.27 -22.42
N ASN B 95 1.64 -25.26 -22.23
CA ASN B 95 2.08 -26.61 -21.92
C ASN B 95 2.45 -27.42 -23.17
N GLN B 96 2.21 -26.89 -24.33
CA GLN B 96 2.50 -27.65 -25.54
C GLN B 96 3.99 -27.97 -25.61
N ARG B 97 4.33 -29.21 -25.96
CA ARG B 97 5.72 -29.64 -26.11
C ARG B 97 6.20 -29.40 -27.53
N VAL B 98 7.46 -29.00 -27.64
CA VAL B 98 8.12 -28.72 -28.90
C VAL B 98 9.39 -29.55 -28.95
N GLU B 99 9.55 -30.34 -30.02
CA GLU B 99 10.77 -31.15 -30.12
C GLU B 99 12.00 -30.28 -30.36
N ILE B 100 13.07 -30.57 -29.63
CA ILE B 100 14.37 -29.98 -29.86
C ILE B 100 15.24 -31.03 -30.55
N LYS B 101 15.74 -30.68 -31.72
CA LYS B 101 16.63 -31.53 -32.51
C LYS B 101 18.05 -30.97 -32.50
N LYS B 102 19.01 -31.89 -32.40
CA LYS B 102 20.38 -31.72 -32.88
C LYS B 102 20.57 -30.64 -33.95
N SER B 103 19.82 -30.69 -35.07
CA SER B 103 20.00 -29.72 -36.15
C SER B 103 19.43 -28.36 -35.82
N ASP B 104 18.44 -28.33 -34.90
CA ASP B 104 17.82 -27.08 -34.48
C ASP B 104 18.83 -26.10 -33.92
N LEU B 105 19.91 -26.61 -33.35
CA LEU B 105 20.85 -25.68 -32.77
C LEU B 105 21.34 -24.71 -33.86
N VAL B 106 20.74 -23.51 -33.89
CA VAL B 106 21.41 -22.24 -34.15
C VAL B 106 22.63 -22.33 -33.25
N ASN B 107 23.37 -21.25 -32.95
CA ASN B 107 23.80 -21.41 -31.56
C ASN B 107 24.35 -20.18 -30.87
N TYR B 108 23.43 -19.51 -30.16
CA TYR B 108 23.50 -19.39 -28.71
C TYR B 108 22.19 -20.00 -28.21
N ASN B 109 22.29 -21.09 -27.46
CA ASN B 109 21.09 -21.75 -26.93
C ASN B 109 21.45 -22.52 -25.65
N PRO B 110 21.69 -21.80 -24.56
CA PRO B 110 22.14 -22.45 -23.32
C PRO B 110 21.10 -23.33 -22.65
N ILE B 111 19.81 -23.14 -22.94
CA ILE B 111 18.78 -23.99 -22.36
C ILE B 111 18.37 -25.12 -23.28
N ALA B 112 18.13 -24.81 -24.56
CA ALA B 112 17.62 -25.80 -25.48
C ALA B 112 18.55 -26.98 -25.57
N GLU B 113 19.82 -26.73 -25.36
CA GLU B 113 20.68 -27.90 -25.30
C GLU B 113 20.39 -28.96 -24.28
N LYS B 114 19.88 -28.64 -23.12
CA LYS B 114 19.70 -29.75 -22.21
C LYS B 114 18.49 -30.58 -22.56
N HIS B 115 17.95 -30.38 -23.78
CA HIS B 115 16.74 -31.07 -24.22
C HIS B 115 16.84 -31.57 -25.66
N VAL B 116 18.03 -31.61 -26.27
CA VAL B 116 18.18 -32.28 -27.56
C VAL B 116 17.63 -33.70 -27.51
N ASN B 117 16.88 -34.04 -28.56
CA ASN B 117 16.09 -35.26 -28.66
C ASN B 117 15.07 -35.38 -27.55
N GLY B 118 14.81 -34.26 -26.86
CA GLY B 118 13.67 -34.16 -25.97
C GLY B 118 12.72 -33.08 -26.46
N THR B 119 11.94 -32.55 -25.53
CA THR B 119 11.05 -31.45 -25.86
C THR B 119 11.18 -30.36 -24.80
N MET B 120 10.63 -29.20 -25.12
CA MET B 120 10.44 -28.13 -24.15
C MET B 120 9.02 -27.60 -24.33
N SER B 121 8.37 -27.23 -23.23
CA SER B 121 7.08 -26.58 -23.38
C SER B 121 7.27 -25.19 -23.97
N LEU B 122 6.19 -24.67 -24.55
CA LEU B 122 6.20 -23.27 -24.96
C LEU B 122 6.48 -22.33 -23.78
N ALA B 123 6.01 -22.66 -22.57
CA ALA B 123 6.36 -21.85 -21.41
C ALA B 123 7.86 -21.87 -21.18
N GLU B 124 8.46 -23.05 -21.30
CA GLU B 124 9.90 -23.18 -21.09
C GLU B 124 10.68 -22.48 -22.20
N LEU B 125 10.18 -22.52 -23.42
CA LEU B 125 10.88 -21.86 -24.51
C LEU B 125 10.77 -20.34 -24.36
N SER B 126 9.60 -19.86 -23.94
CA SER B 126 9.44 -18.43 -23.66
C SER B 126 10.43 -17.96 -22.60
N ALA B 127 10.49 -18.70 -21.49
CA ALA B 127 11.38 -18.35 -20.40
C ALA B 127 12.82 -18.37 -20.86
N ALA B 128 13.19 -19.40 -21.62
CA ALA B 128 14.55 -19.54 -22.11
C ALA B 128 14.92 -18.40 -23.04
N ALA B 129 14.02 -18.08 -23.99
CA ALA B 129 14.28 -16.95 -24.88
C ALA B 129 14.40 -15.64 -24.11
N LEU B 130 13.54 -15.42 -23.11
CA LEU B 130 13.48 -14.11 -22.47
C LEU B 130 14.55 -13.94 -21.41
N GLN B 131 14.90 -15.00 -20.69
CA GLN B 131 15.79 -14.89 -19.54
C GLN B 131 17.21 -15.33 -19.81
N TYR B 132 17.46 -16.15 -20.85
CA TYR B 132 18.83 -16.49 -21.25
C TYR B 132 19.14 -16.11 -22.68
N SER B 133 18.22 -15.44 -23.37
CA SER B 133 18.39 -15.05 -24.76
C SER B 133 18.71 -16.26 -25.65
N ASP B 134 18.14 -17.40 -25.29
CA ASP B 134 18.31 -18.65 -26.05
C ASP B 134 17.80 -18.47 -27.47
N ASN B 135 18.66 -18.78 -28.47
CA ASN B 135 18.24 -18.50 -29.83
C ASN B 135 17.41 -19.62 -30.43
N VAL B 136 17.61 -20.87 -29.99
CA VAL B 136 16.72 -21.94 -30.45
C VAL B 136 15.32 -21.68 -29.94
N ALA B 137 15.20 -21.28 -28.67
CA ALA B 137 13.89 -20.96 -28.09
C ALA B 137 13.16 -19.91 -28.93
N MET B 138 13.87 -18.84 -29.32
CA MET B 138 13.28 -17.84 -30.20
C MET B 138 12.75 -18.46 -31.50
N ASN B 139 13.58 -19.26 -32.18
CA ASN B 139 13.14 -19.88 -33.42
C ASN B 139 11.90 -20.73 -33.21
N LYS B 140 11.84 -21.44 -32.09
CA LYS B 140 10.65 -22.24 -31.82
C LYS B 140 9.42 -21.35 -31.63
N LEU B 141 9.56 -20.22 -30.92
CA LEU B 141 8.43 -19.30 -30.77
C LEU B 141 7.99 -18.76 -32.12
N ILE B 142 8.95 -18.33 -32.94
CA ILE B 142 8.61 -17.79 -34.26
C ILE B 142 7.87 -18.82 -35.07
N ALA B 143 8.45 -20.02 -35.17
CA ALA B 143 7.82 -21.08 -35.93
C ALA B 143 6.39 -21.29 -35.47
N HIS B 144 6.15 -21.10 -34.19
CA HIS B 144 4.92 -21.64 -33.65
C HIS B 144 3.76 -20.72 -33.92
N VAL B 145 4.04 -19.42 -34.00
CA VAL B 145 3.00 -18.46 -34.36
C VAL B 145 2.83 -18.39 -35.86
N GLY B 146 3.77 -18.94 -36.63
CA GLY B 146 3.59 -19.02 -38.05
C GLY B 146 4.70 -18.41 -38.87
N GLY B 147 5.80 -18.04 -38.23
CA GLY B 147 6.91 -17.42 -38.94
C GLY B 147 7.01 -15.94 -38.64
N PRO B 148 8.09 -15.30 -39.11
CA PRO B 148 8.31 -13.87 -38.80
C PRO B 148 7.15 -12.98 -39.19
N ALA B 149 6.50 -13.24 -40.31
CA ALA B 149 5.40 -12.37 -40.73
C ALA B 149 4.25 -12.46 -39.75
N SER B 150 4.09 -13.63 -39.14
CA SER B 150 3.05 -13.80 -38.14
CA SER B 150 3.03 -13.79 -38.15
C SER B 150 3.36 -13.07 -36.84
N VAL B 151 4.65 -12.94 -36.50
CA VAL B 151 5.02 -12.10 -35.37
C VAL B 151 4.77 -10.64 -35.72
N THR B 152 5.13 -10.23 -36.94
CA THR B 152 4.84 -8.87 -37.37
C THR B 152 3.36 -8.58 -37.34
N ALA B 153 2.54 -9.56 -37.76
CA ALA B 153 1.10 -9.35 -37.73
C ALA B 153 0.58 -9.16 -36.31
N PHE B 154 1.14 -9.87 -35.34
CA PHE B 154 0.74 -9.67 -33.96
C PHE B 154 1.04 -8.23 -33.52
N ALA B 155 2.21 -7.72 -33.91
CA ALA B 155 2.55 -6.34 -33.61
C ALA B 155 1.54 -5.39 -34.20
N ARG B 156 1.12 -5.65 -35.45
CA ARG B 156 0.12 -4.79 -36.09
C ARG B 156 -1.19 -4.80 -35.33
N GLN B 157 -1.63 -5.98 -34.88
CA GLN B 157 -2.85 -6.07 -34.09
C GLN B 157 -2.77 -5.27 -32.79
N LEU B 158 -1.55 -5.05 -32.27
CA LEU B 158 -1.36 -4.17 -31.11
C LEU B 158 -1.31 -2.70 -31.50
N GLY B 159 -1.47 -2.37 -32.77
CA GLY B 159 -1.31 -1.00 -33.20
C GLY B 159 0.12 -0.57 -33.41
N ASP B 160 1.07 -1.49 -33.34
CA ASP B 160 2.46 -1.17 -33.67
C ASP B 160 2.64 -1.31 -35.18
N GLU B 161 2.82 -0.17 -35.85
CA GLU B 161 2.92 -0.03 -37.29
C GLU B 161 4.36 -0.01 -37.77
N THR B 162 5.31 -0.05 -36.84
CA THR B 162 6.74 0.12 -37.11
C THR B 162 7.53 -1.17 -37.01
N PHE B 163 7.25 -2.00 -36.01
CA PHE B 163 7.93 -3.27 -35.82
C PHE B 163 7.88 -4.11 -37.08
N ARG B 164 9.03 -4.68 -37.46
CA ARG B 164 9.02 -5.71 -38.50
C ARG B 164 10.04 -6.78 -38.15
N LEU B 165 9.59 -8.03 -38.17
CA LEU B 165 10.46 -9.20 -37.99
C LEU B 165 10.50 -9.91 -39.34
N ASP B 166 11.70 -10.11 -39.85
CA ASP B 166 11.89 -10.61 -41.20
C ASP B 166 12.62 -11.93 -41.25
N ARG B 167 13.50 -12.22 -40.30
CA ARG B 167 14.35 -13.39 -40.37
C ARG B 167 14.28 -14.14 -39.04
N THR B 168 14.96 -15.27 -39.00
CA THR B 168 15.05 -16.10 -37.82
C THR B 168 16.40 -15.90 -37.15
N GLU B 169 16.63 -16.63 -36.05
CA GLU B 169 17.94 -16.70 -35.43
C GLU B 169 18.84 -17.63 -36.26
N PRO B 170 20.10 -17.25 -36.49
CA PRO B 170 20.76 -16.07 -35.94
C PRO B 170 20.83 -14.88 -36.88
N THR B 171 20.32 -15.00 -38.11
CA THR B 171 20.59 -13.93 -39.06
C THR B 171 19.87 -12.62 -38.71
N LEU B 172 18.82 -12.65 -37.89
CA LEU B 172 18.10 -11.41 -37.62
C LEU B 172 18.94 -10.38 -36.86
N ASN B 173 20.12 -10.77 -36.39
CA ASN B 173 20.99 -9.90 -35.61
C ASN B 173 22.10 -9.27 -36.44
N THR B 174 22.06 -9.39 -37.78
CA THR B 174 23.15 -8.82 -38.56
C THR B 174 23.30 -7.32 -38.29
N ALA B 175 22.17 -6.61 -38.15
CA ALA B 175 22.18 -5.20 -37.72
C ALA B 175 22.97 -4.31 -38.68
N ILE B 176 22.77 -4.50 -39.97
CA ILE B 176 23.53 -3.75 -40.97
C ILE B 176 22.95 -2.36 -41.14
N PRO B 177 23.78 -1.32 -41.15
CA PRO B 177 23.27 0.05 -41.32
C PRO B 177 22.49 0.17 -42.62
N GLY B 178 21.40 0.93 -42.58
CA GLY B 178 20.52 1.07 -43.72
C GLY B 178 19.57 -0.09 -43.95
N ASP B 179 19.81 -1.24 -43.34
CA ASP B 179 18.97 -2.42 -43.54
C ASP B 179 17.74 -2.33 -42.64
N PRO B 180 16.54 -2.20 -43.20
CA PRO B 180 15.33 -2.10 -42.37
C PRO B 180 14.81 -3.43 -41.86
N ARG B 181 15.43 -4.55 -42.21
CA ARG B 181 14.95 -5.84 -41.77
C ARG B 181 15.13 -5.98 -40.26
N ASP B 182 14.11 -6.52 -39.58
CA ASP B 182 14.21 -6.82 -38.16
C ASP B 182 14.48 -5.56 -37.35
N THR B 183 13.82 -4.47 -37.71
CA THR B 183 14.01 -3.21 -37.01
C THR B 183 12.71 -2.72 -36.38
N THR B 184 12.86 -1.76 -35.47
CA THR B 184 11.74 -0.94 -35.01
C THR B 184 12.31 0.40 -34.55
N SER B 185 11.43 1.28 -34.10
CA SER B 185 11.88 2.54 -33.53
C SER B 185 11.75 2.51 -32.01
N PRO B 186 12.57 3.29 -31.31
CA PRO B 186 12.46 3.34 -29.84
C PRO B 186 11.08 3.75 -29.37
N ARG B 187 10.46 4.72 -30.04
CA ARG B 187 9.13 5.16 -29.65
C ARG B 187 8.12 4.03 -29.80
N ALA B 188 8.16 3.33 -30.96
CA ALA B 188 7.21 2.24 -31.19
C ALA B 188 7.42 1.13 -30.17
N MET B 189 8.68 0.75 -29.95
CA MET B 189 8.94 -0.34 -29.02
C MET B 189 8.57 0.04 -27.59
N ALA B 190 8.81 1.30 -27.18
CA ALA B 190 8.41 1.74 -25.84
C ALA B 190 6.89 1.69 -25.68
N GLN B 191 6.18 2.19 -26.70
CA GLN B 191 4.71 2.20 -26.67
C GLN B 191 4.18 0.78 -26.58
N THR B 192 4.74 -0.12 -27.37
CA THR B 192 4.29 -1.50 -27.38
C THR B 192 4.63 -2.19 -26.08
N LEU B 193 5.86 -1.98 -25.58
CA LEU B 193 6.24 -2.61 -24.32
C LEU B 193 5.33 -2.12 -23.19
N ARG B 194 4.94 -0.84 -23.21
CA ARG B 194 3.99 -0.37 -22.21
C ARG B 194 2.68 -1.12 -22.29
N ASN B 195 2.10 -1.22 -23.50
CA ASN B 195 0.84 -1.92 -23.69
C ASN B 195 0.94 -3.37 -23.25
N LEU B 196 2.08 -4.01 -23.47
CA LEU B 196 2.24 -5.43 -23.15
C LEU B 196 2.45 -5.67 -21.66
N THR B 197 3.29 -4.88 -20.99
CA THR B 197 3.66 -5.20 -19.62
C THR B 197 2.79 -4.47 -18.59
N LEU B 198 2.15 -3.39 -18.97
CA LEU B 198 1.36 -2.57 -18.06
C LEU B 198 -0.04 -2.35 -18.56
N GLY B 199 -0.22 -2.21 -19.87
CA GLY B 199 -1.52 -1.99 -20.47
C GLY B 199 -2.31 -3.27 -20.66
N LYS B 200 -3.20 -3.20 -21.67
CA LYS B 200 -4.34 -4.08 -21.94
C LYS B 200 -4.08 -5.06 -23.07
N ALA B 201 -2.91 -5.04 -23.66
CA ALA B 201 -2.69 -5.81 -24.88
C ALA B 201 -2.90 -7.29 -24.62
N LEU B 202 -2.49 -7.75 -23.44
CA LEU B 202 -2.63 -9.13 -23.00
C LEU B 202 -3.66 -9.21 -21.89
N GLY B 203 -4.21 -10.41 -21.70
CA GLY B 203 -5.00 -10.66 -20.51
C GLY B 203 -4.17 -10.53 -19.25
N ASP B 204 -4.88 -10.37 -18.13
CA ASP B 204 -4.21 -10.06 -16.87
C ASP B 204 -3.23 -11.16 -16.52
N SER B 205 -3.69 -12.41 -16.66
CA SER B 205 -2.86 -13.60 -16.50
C SER B 205 -1.63 -13.57 -17.40
N GLN B 206 -1.81 -13.24 -18.68
CA GLN B 206 -0.68 -13.28 -19.61
C GLN B 206 0.28 -12.09 -19.38
N ARG B 207 -0.27 -10.91 -19.13
CA ARG B 207 0.56 -9.76 -18.75
CA ARG B 207 0.57 -9.77 -18.77
C ARG B 207 1.45 -10.09 -17.55
N ALA B 208 0.86 -10.71 -16.51
CA ALA B 208 1.64 -11.04 -15.32
C ALA B 208 2.73 -12.06 -15.65
N GLN B 209 2.42 -13.03 -16.51
CA GLN B 209 3.42 -14.00 -16.91
C GLN B 209 4.59 -13.32 -17.63
N LEU B 210 4.30 -12.40 -18.55
CA LEU B 210 5.38 -11.70 -19.25
C LEU B 210 6.24 -10.90 -18.28
N VAL B 211 5.61 -10.20 -17.33
CA VAL B 211 6.36 -9.40 -16.36
C VAL B 211 7.24 -10.31 -15.51
N THR B 212 6.69 -11.44 -15.07
CA THR B 212 7.48 -12.40 -14.29
C THR B 212 8.71 -12.86 -15.07
N TRP B 213 8.50 -13.24 -16.33
CA TRP B 213 9.62 -13.68 -17.17
C TRP B 213 10.70 -12.61 -17.30
N MET B 214 10.31 -11.38 -17.65
CA MET B 214 11.31 -10.33 -17.87
C MET B 214 12.02 -9.97 -16.58
N LYS B 215 11.29 -9.97 -15.45
CA LYS B 215 11.93 -9.72 -14.15
C LYS B 215 12.95 -10.79 -13.83
N GLY B 216 12.76 -12.00 -14.34
CA GLY B 216 13.71 -13.08 -14.15
C GLY B 216 14.83 -13.12 -15.16
N ASN B 217 15.01 -12.07 -15.96
CA ASN B 217 16.08 -12.05 -16.95
C ASN B 217 17.43 -12.15 -16.26
N THR B 218 18.35 -12.91 -16.87
CA THR B 218 19.69 -13.04 -16.33
C THR B 218 20.74 -12.30 -17.14
N THR B 219 20.39 -11.70 -18.28
CA THR B 219 21.39 -11.14 -19.19
C THR B 219 21.53 -9.63 -19.11
N GLY B 220 20.79 -8.94 -18.24
CA GLY B 220 20.73 -7.50 -18.34
C GLY B 220 21.38 -6.68 -17.25
N ALA B 221 22.23 -7.30 -16.42
CA ALA B 221 22.76 -6.60 -15.26
C ALA B 221 23.66 -5.42 -15.64
N ALA B 222 24.35 -5.53 -16.79
CA ALA B 222 25.29 -4.51 -17.23
C ALA B 222 24.68 -3.46 -18.15
N SER B 223 23.41 -3.58 -18.48
CA SER B 223 22.77 -2.67 -19.46
C SER B 223 21.94 -1.67 -18.69
N ILE B 224 20.64 -1.49 -18.98
CA ILE B 224 19.85 -0.45 -18.32
C ILE B 224 20.00 -0.53 -16.79
N GLN B 225 19.99 -1.75 -16.24
CA GLN B 225 20.02 -1.91 -14.79
C GLN B 225 21.24 -1.25 -14.16
N ALA B 226 22.39 -1.35 -14.84
CA ALA B 226 23.63 -0.76 -14.35
C ALA B 226 23.54 0.75 -14.15
N GLY B 227 22.58 1.44 -14.78
CA GLY B 227 22.43 2.87 -14.70
C GLY B 227 21.34 3.35 -13.76
N LEU B 228 20.69 2.45 -13.06
CA LEU B 228 19.54 2.71 -12.19
C LEU B 228 19.92 2.45 -10.74
N PRO B 229 19.32 3.19 -9.80
CA PRO B 229 19.53 2.87 -8.38
C PRO B 229 19.32 1.38 -8.15
N ALA B 230 20.14 0.83 -7.26
CA ALA B 230 20.16 -0.61 -7.07
C ALA B 230 18.83 -1.13 -6.54
N SER B 231 18.06 -0.29 -5.85
CA SER B 231 16.81 -0.76 -5.25
C SER B 231 15.68 -0.90 -6.25
N TRP B 232 15.80 -0.30 -7.44
CA TRP B 232 14.73 -0.33 -8.43
C TRP B 232 14.59 -1.70 -9.07
N VAL B 233 13.33 -2.14 -9.25
CA VAL B 233 13.03 -3.45 -9.83
C VAL B 233 12.90 -3.29 -11.34
N VAL B 234 13.57 -4.17 -12.09
CA VAL B 234 13.66 -4.06 -13.54
C VAL B 234 13.24 -5.38 -14.15
N GLY B 235 12.37 -5.32 -15.15
CA GLY B 235 12.20 -6.45 -16.05
C GLY B 235 12.69 -6.00 -17.41
N ASP B 236 13.68 -6.69 -18.00
CA ASP B 236 14.28 -6.19 -19.23
C ASP B 236 14.61 -7.36 -20.17
N LYS B 237 14.76 -7.01 -21.45
CA LYS B 237 15.28 -7.92 -22.46
C LYS B 237 16.40 -7.22 -23.22
N THR B 238 17.60 -7.81 -23.18
CA THR B 238 18.75 -7.27 -23.89
C THR B 238 18.74 -7.75 -25.35
N GLY B 239 19.62 -7.17 -26.14
CA GLY B 239 19.92 -7.72 -27.46
C GLY B 239 21.28 -7.26 -27.89
N SER B 240 21.90 -8.04 -28.77
CA SER B 240 23.22 -7.69 -29.28
C SER B 240 23.34 -8.23 -30.68
N GLY B 241 24.21 -7.62 -31.48
CA GLY B 241 24.33 -8.04 -32.86
C GLY B 241 25.54 -7.44 -33.53
N GLY B 242 25.57 -7.56 -34.86
CA GLY B 242 26.66 -7.01 -35.63
C GLY B 242 26.73 -5.51 -35.49
N TYR B 243 27.87 -4.95 -35.89
CA TYR B 243 28.09 -3.50 -35.80
C TYR B 243 28.04 -3.03 -34.34
N GLY B 244 28.44 -3.92 -33.43
CA GLY B 244 28.46 -3.57 -32.03
C GLY B 244 27.11 -3.16 -31.50
N THR B 245 26.04 -3.68 -32.10
CA THR B 245 24.71 -3.30 -31.65
C THR B 245 24.47 -3.85 -30.26
N THR B 246 23.99 -2.98 -29.38
CA THR B 246 23.79 -3.30 -27.97
C THR B 246 22.46 -2.68 -27.57
N ASN B 247 21.51 -3.50 -27.16
CA ASN B 247 20.13 -3.06 -26.94
C ASN B 247 19.63 -3.52 -25.58
N ASP B 248 18.60 -2.81 -25.11
CA ASP B 248 17.88 -3.19 -23.90
C ASP B 248 16.53 -2.49 -23.90
N ILE B 249 15.48 -3.23 -23.55
CA ILE B 249 14.16 -2.66 -23.36
C ILE B 249 13.67 -3.13 -22.00
N ALA B 250 13.08 -2.21 -21.23
CA ALA B 250 12.84 -2.51 -19.83
C ALA B 250 11.56 -1.86 -19.36
N VAL B 251 10.87 -2.56 -18.45
CA VAL B 251 9.87 -1.98 -17.57
C VAL B 251 10.50 -1.89 -16.18
N ILE B 252 10.34 -0.73 -15.53
CA ILE B 252 11.09 -0.37 -14.34
C ILE B 252 10.12 0.13 -13.29
N TRP B 253 10.14 -0.48 -12.10
CA TRP B 253 9.33 0.02 -10.99
C TRP B 253 10.29 0.61 -9.96
N PRO B 254 10.56 1.91 -10.01
CA PRO B 254 11.27 2.54 -8.90
C PRO B 254 10.34 2.56 -7.69
N LYS B 255 10.89 2.37 -6.50
CA LYS B 255 9.92 2.20 -5.42
C LYS B 255 9.35 3.54 -5.05
N ASP B 256 8.12 3.48 -4.56
CA ASP B 256 7.29 4.62 -4.25
C ASP B 256 7.05 5.46 -5.47
N ARG B 257 7.19 4.91 -6.65
CA ARG B 257 6.78 5.69 -7.81
CA ARG B 257 6.89 5.67 -7.85
C ARG B 257 6.16 4.80 -8.86
N ALA B 258 5.60 5.47 -9.82
CA ALA B 258 4.92 4.85 -10.94
C ALA B 258 5.97 4.27 -11.88
N PRO B 259 5.65 3.17 -12.57
CA PRO B 259 6.66 2.50 -13.40
C PRO B 259 7.09 3.33 -14.62
N LEU B 260 8.29 3.03 -15.09
CA LEU B 260 8.84 3.57 -16.33
C LEU B 260 8.99 2.46 -17.37
N ILE B 261 8.79 2.82 -18.64
CA ILE B 261 9.21 1.99 -19.77
C ILE B 261 10.41 2.69 -20.39
N LEU B 262 11.50 1.95 -20.60
CA LEU B 262 12.69 2.54 -21.20
C LEU B 262 13.22 1.62 -22.29
N VAL B 263 13.41 2.18 -23.49
CA VAL B 263 14.08 1.51 -24.61
C VAL B 263 15.38 2.26 -24.88
N THR B 264 16.48 1.51 -24.90
CA THR B 264 17.80 2.04 -25.27
C THR B 264 18.38 1.17 -26.38
N TYR B 265 18.56 1.74 -27.57
CA TYR B 265 19.14 1.06 -28.70
C TYR B 265 20.46 1.75 -29.07
N PHE B 266 21.48 0.96 -29.40
CA PHE B 266 22.76 1.57 -29.71
C PHE B 266 23.47 0.76 -30.77
N THR B 267 23.93 1.43 -31.81
CA THR B 267 24.66 0.74 -32.87
C THR B 267 25.85 1.59 -33.30
N GLN B 268 26.81 0.93 -33.90
CA GLN B 268 28.12 1.51 -34.19
C GLN B 268 28.45 1.36 -35.67
N PRO B 269 29.50 2.03 -36.13
CA PRO B 269 29.80 1.95 -37.56
C PRO B 269 30.74 0.81 -37.94
N GLN B 270 31.61 0.19 -36.97
CA GLN B 270 32.47 -0.79 -37.65
C GLN B 270 31.74 -2.15 -37.57
N PRO B 271 31.82 -3.00 -38.60
CA PRO B 271 31.15 -4.31 -38.54
C PRO B 271 31.46 -5.16 -37.30
N LYS B 272 32.67 -5.10 -36.75
CA LYS B 272 32.99 -5.96 -35.61
C LYS B 272 33.28 -5.14 -34.35
N ALA B 273 32.66 -3.97 -34.23
CA ALA B 273 32.68 -3.21 -32.99
C ALA B 273 32.29 -4.11 -31.82
N GLU B 274 32.94 -3.95 -30.69
CA GLU B 274 32.48 -4.77 -29.59
C GLU B 274 31.19 -4.17 -29.02
N SER B 275 30.57 -4.89 -28.07
CA SER B 275 29.39 -4.47 -27.35
C SER B 275 29.72 -3.32 -26.41
N ARG B 276 28.74 -2.43 -26.22
CA ARG B 276 28.88 -1.28 -25.32
C ARG B 276 27.67 -1.22 -24.40
N ARG B 277 27.51 -2.23 -23.54
CA ARG B 277 26.37 -2.21 -22.64
C ARG B 277 26.44 -1.05 -21.66
N ASP B 278 27.64 -0.52 -21.41
CA ASP B 278 27.82 0.64 -20.54
C ASP B 278 27.17 1.89 -21.11
N VAL B 279 27.09 1.98 -22.44
CA VAL B 279 26.40 3.11 -23.07
C VAL B 279 24.93 3.09 -22.71
N LEU B 280 24.33 1.90 -22.67
CA LEU B 280 22.92 1.79 -22.28
C LEU B 280 22.75 2.16 -20.82
N ALA B 281 23.67 1.70 -19.96
CA ALA B 281 23.63 2.10 -18.55
C ALA B 281 23.71 3.63 -18.41
N SER B 282 24.60 4.27 -19.15
CA SER B 282 24.76 5.71 -19.08
C SER B 282 23.49 6.41 -19.56
N ALA B 283 22.95 5.97 -20.70
CA ALA B 283 21.69 6.51 -21.20
C ALA B 283 20.60 6.38 -20.15
N ALA B 284 20.53 5.23 -19.47
CA ALA B 284 19.51 5.02 -18.45
C ALA B 284 19.69 5.98 -17.26
N LYS B 285 20.91 6.10 -16.74
CA LYS B 285 21.21 7.12 -15.74
C LYS B 285 20.75 8.52 -16.17
N ILE B 286 21.11 8.91 -17.39
CA ILE B 286 20.81 10.25 -17.86
C ILE B 286 19.31 10.50 -17.88
N VAL B 287 18.52 9.58 -18.43
CA VAL B 287 17.10 9.88 -18.58
C VAL B 287 16.30 9.63 -17.32
N THR B 288 16.83 8.87 -16.35
CA THR B 288 16.12 8.71 -15.09
C THR B 288 16.57 9.74 -14.05
N ASP B 289 17.54 10.57 -14.39
CA ASP B 289 17.95 11.68 -13.56
C ASP B 289 16.81 12.70 -13.47
N GLY B 290 16.64 13.29 -12.29
CA GLY B 290 15.38 13.93 -12.02
C GLY B 290 14.30 12.98 -11.59
N LEU B 291 14.61 11.70 -11.48
CA LEU B 291 13.67 10.70 -11.04
C LEU B 291 14.43 9.67 -10.21
N PRO C 28 -20.08 7.87 49.25
CA PRO C 28 -20.19 8.93 50.25
C PRO C 28 -19.20 8.80 51.42
N LEU C 29 -18.58 7.62 51.58
CA LEU C 29 -17.39 7.41 52.43
C LEU C 29 -16.97 5.94 52.43
N THR C 30 -15.68 5.69 52.69
CA THR C 30 -14.92 4.44 52.57
C THR C 30 -14.38 4.38 51.16
N ALA C 31 -13.44 3.47 50.86
CA ALA C 31 -13.23 2.93 49.52
C ALA C 31 -14.53 3.02 48.72
N ASP C 32 -14.93 4.24 48.39
CA ASP C 32 -16.08 4.40 47.52
C ASP C 32 -15.68 4.24 46.06
N VAL C 33 -14.38 4.30 45.76
CA VAL C 33 -13.90 3.66 44.53
C VAL C 33 -14.25 2.17 44.56
N GLN C 34 -13.99 1.50 45.69
CA GLN C 34 -14.32 0.08 45.76
C GLN C 34 -15.82 -0.15 45.65
N GLN C 35 -16.61 0.73 46.28
CA GLN C 35 -18.07 0.61 46.19
C GLN C 35 -18.58 0.88 44.79
N LYS C 36 -17.99 1.89 44.13
CA LYS C 36 -18.34 2.19 42.75
C LYS C 36 -18.03 1.01 41.82
N LEU C 37 -16.86 0.39 42.00
CA LEU C 37 -16.51 -0.76 41.17
C LEU C 37 -17.43 -1.94 41.45
N ALA C 38 -17.69 -2.21 42.74
CA ALA C 38 -18.65 -3.24 43.10
C ALA C 38 -20.01 -2.96 42.46
N GLU C 39 -20.46 -1.69 42.43
CA GLU C 39 -21.73 -1.38 41.80
C GLU C 39 -21.69 -1.70 40.33
N LEU C 40 -20.65 -1.17 39.67
CA LEU C 40 -20.49 -1.36 38.25
C LEU C 40 -20.52 -2.83 37.90
N GLU C 41 -19.78 -3.64 38.67
CA GLU C 41 -19.69 -5.06 38.39
C GLU C 41 -21.06 -5.71 38.43
N ARG C 42 -21.77 -5.40 39.49
CA ARG C 42 -23.06 -6.02 39.80
C ARG C 42 -24.11 -5.58 38.80
N GLN C 43 -24.13 -4.29 38.52
CA GLN C 43 -24.98 -3.73 37.48
C GLN C 43 -24.68 -4.33 36.10
N SER C 44 -23.41 -4.56 35.77
CA SER C 44 -23.11 -5.14 34.48
C SER C 44 -23.17 -6.67 34.47
N GLY C 45 -23.45 -7.29 35.62
CA GLY C 45 -23.75 -8.71 35.60
C GLY C 45 -22.61 -9.62 35.21
N GLY C 46 -21.38 -9.17 35.29
CA GLY C 46 -20.27 -10.06 35.04
C GLY C 46 -19.30 -10.07 36.20
N ARG C 47 -18.11 -10.58 35.97
CA ARG C 47 -17.02 -10.54 36.94
C ARG C 47 -15.98 -9.54 36.44
N LEU C 48 -15.66 -8.56 37.28
CA LEU C 48 -14.77 -7.46 36.91
C LEU C 48 -13.46 -7.56 37.67
N GLY C 49 -12.35 -7.38 36.95
CA GLY C 49 -11.04 -7.35 37.58
C GLY C 49 -10.28 -6.09 37.19
N VAL C 50 -9.77 -5.36 38.18
CA VAL C 50 -9.12 -4.08 37.94
C VAL C 50 -7.83 -4.04 38.73
N ALA C 51 -6.77 -3.55 38.10
CA ALA C 51 -5.55 -3.16 38.82
C ALA C 51 -5.00 -1.87 38.23
N LEU C 52 -4.98 -0.83 39.04
CA LEU C 52 -4.42 0.45 38.63
C LEU C 52 -3.17 0.69 39.44
N ILE C 53 -2.08 1.06 38.77
CA ILE C 53 -0.87 1.51 39.44
C ILE C 53 -0.68 2.97 39.11
N ASN C 54 -0.54 3.80 40.14
CA ASN C 54 -0.25 5.22 39.95
C ASN C 54 1.25 5.40 40.19
N THR C 55 2.00 5.65 39.13
CA THR C 55 3.43 5.82 39.33
C THR C 55 3.77 7.09 40.11
N ALA C 56 2.84 8.06 40.25
CA ALA C 56 3.13 9.27 41.01
C ALA C 56 3.50 8.97 42.44
N ASP C 57 2.86 7.97 43.04
CA ASP C 57 3.17 7.64 44.43
C ASP C 57 3.22 6.14 44.67
N ASN C 58 3.13 5.32 43.63
CA ASN C 58 3.24 3.88 43.74
C ASN C 58 1.98 3.26 44.32
N SER C 59 0.91 4.04 44.45
CA SER C 59 -0.32 3.50 44.99
C SER C 59 -0.95 2.55 43.98
N GLN C 60 -1.83 1.70 44.46
CA GLN C 60 -2.58 0.82 43.59
C GLN C 60 -4.03 0.85 44.00
N ILE C 61 -4.89 0.65 43.03
CA ILE C 61 -6.30 0.38 43.25
C ILE C 61 -6.56 -1.00 42.67
N LEU C 62 -7.09 -1.89 43.49
CA LEU C 62 -7.21 -3.31 43.17
C LEU C 62 -8.65 -3.75 43.39
N TYR C 63 -9.19 -4.49 42.41
CA TYR C 63 -10.52 -5.06 42.50
C TYR C 63 -10.45 -6.45 41.87
N ARG C 64 -10.59 -7.48 42.70
CA ARG C 64 -10.39 -8.88 42.28
C ARG C 64 -9.05 -9.03 41.56
N ALA C 65 -8.04 -8.29 42.04
CA ALA C 65 -6.77 -8.20 41.33
C ALA C 65 -5.96 -9.47 41.43
N ASP C 66 -6.32 -10.40 42.30
CA ASP C 66 -5.61 -11.66 42.36
C ASP C 66 -6.40 -12.82 41.76
N GLU C 67 -7.61 -12.58 41.26
CA GLU C 67 -8.35 -13.61 40.54
C GLU C 67 -7.84 -13.75 39.10
N ARG C 68 -7.93 -14.98 38.57
CA ARG C 68 -7.52 -15.25 37.20
C ARG C 68 -8.59 -14.86 36.21
N PHE C 69 -8.17 -14.25 35.11
CA PHE C 69 -9.03 -13.94 33.98
C PHE C 69 -8.35 -14.40 32.70
N ALA C 70 -9.15 -14.85 31.73
CA ALA C 70 -8.63 -15.15 30.40
C ALA C 70 -8.09 -13.87 29.77
N MET C 71 -6.82 -13.89 29.37
CA MET C 71 -6.20 -12.68 28.81
C MET C 71 -6.73 -12.32 27.44
N CYS C 72 -7.12 -13.32 26.65
CA CYS C 72 -7.40 -13.15 25.23
C CYS C 72 -6.29 -12.33 24.56
N SER C 73 -6.64 -11.38 23.66
CA SER C 73 -5.61 -10.69 22.88
C SER C 73 -4.69 -9.80 23.72
N THR C 74 -5.00 -9.55 24.99
CA THR C 74 -4.03 -8.83 25.82
C THR C 74 -2.75 -9.62 26.03
N SER C 75 -2.78 -10.95 25.88
CA SER C 75 -1.56 -11.73 25.89
C SER C 75 -0.60 -11.34 24.77
N LYS C 76 -1.06 -10.65 23.72
CA LYS C 76 -0.17 -10.33 22.62
C LYS C 76 0.93 -9.37 23.04
N VAL C 77 0.72 -8.59 24.10
CA VAL C 77 1.79 -7.71 24.56
C VAL C 77 2.95 -8.56 25.05
N MET C 78 2.67 -9.63 25.79
CA MET C 78 3.73 -10.48 26.29
C MET C 78 4.50 -11.17 25.15
N ALA C 79 3.79 -11.60 24.11
CA ALA C 79 4.45 -12.22 22.96
C ALA C 79 5.36 -11.24 22.24
N ALA C 80 4.85 -10.04 21.92
CA ALA C 80 5.69 -9.03 21.28
C ALA C 80 6.86 -8.65 22.17
N ALA C 81 6.63 -8.55 23.49
CA ALA C 81 7.71 -8.21 24.43
C ALA C 81 8.78 -9.30 24.46
N ALA C 82 8.36 -10.58 24.42
CA ALA C 82 9.33 -11.66 24.37
C ALA C 82 10.22 -11.56 23.14
N VAL C 83 9.65 -11.16 21.99
CA VAL C 83 10.44 -10.98 20.78
C VAL C 83 11.39 -9.80 20.93
N LEU C 84 10.89 -8.66 21.47
CA LEU C 84 11.77 -7.51 21.72
C LEU C 84 12.95 -7.89 22.61
N LYS C 85 12.70 -8.68 23.66
CA LYS C 85 13.78 -9.12 24.55
C LYS C 85 14.78 -9.98 23.82
N LYS C 86 14.33 -10.87 22.96
CA LYS C 86 15.32 -11.65 22.21
C LYS C 86 16.12 -10.79 21.22
N SER C 87 15.50 -9.74 20.68
CA SER C 87 16.20 -8.84 19.78
C SER C 87 17.35 -8.11 20.46
N GLU C 88 17.36 -8.08 21.80
CA GLU C 88 18.49 -7.48 22.51
C GLU C 88 19.76 -8.30 22.34
N SER C 89 19.63 -9.60 22.12
CA SER C 89 20.80 -10.43 21.87
C SER C 89 20.90 -10.91 20.43
N GLU C 90 19.93 -10.61 19.57
CA GLU C 90 20.00 -10.95 18.14
C GLU C 90 19.75 -9.64 17.43
N PRO C 91 20.81 -8.88 17.14
CA PRO C 91 20.64 -7.44 16.91
C PRO C 91 19.59 -7.09 15.87
N ASN C 92 19.44 -7.88 14.81
CA ASN C 92 18.32 -7.57 13.93
C ASN C 92 17.04 -8.09 14.52
N LEU C 93 16.79 -9.36 14.24
CA LEU C 93 15.60 -10.09 14.66
C LEU C 93 14.35 -9.41 14.15
N LEU C 94 14.14 -8.13 14.45
CA LEU C 94 12.89 -7.49 14.01
C LEU C 94 12.80 -7.41 12.49
N ASN C 95 13.93 -7.44 11.78
CA ASN C 95 13.90 -7.48 10.33
C ASN C 95 13.71 -8.88 9.76
N GLN C 96 13.70 -9.93 10.59
CA GLN C 96 13.51 -11.32 10.12
C GLN C 96 12.17 -11.49 9.39
N ARG C 97 12.23 -12.04 8.20
CA ARG C 97 11.01 -12.29 7.46
C ARG C 97 10.40 -13.62 7.87
N VAL C 98 9.07 -13.63 7.88
CA VAL C 98 8.28 -14.81 8.26
C VAL C 98 7.30 -15.06 7.13
N GLU C 99 7.29 -16.29 6.60
CA GLU C 99 6.34 -16.59 5.52
C GLU C 99 4.91 -16.62 6.03
N ILE C 100 4.02 -15.98 5.29
CA ILE C 100 2.58 -16.07 5.51
C ILE C 100 1.99 -17.00 4.45
N LYS C 101 1.35 -18.06 4.90
CA LYS C 101 0.69 -19.04 4.05
C LYS C 101 -0.82 -18.90 4.15
N LYS C 102 -1.48 -19.04 3.00
CA LYS C 102 -2.87 -19.47 2.88
C LYS C 102 -3.43 -20.25 4.08
N SER C 103 -2.77 -21.35 4.50
CA SER C 103 -3.28 -22.17 5.60
C SER C 103 -3.09 -21.51 6.95
N ASP C 104 -2.09 -20.61 7.05
CA ASP C 104 -1.83 -19.89 8.29
C ASP C 104 -3.03 -19.12 8.78
N LEU C 105 -3.88 -18.69 7.87
CA LEU C 105 -5.01 -17.92 8.34
C LEU C 105 -5.82 -18.75 9.34
N VAL C 106 -5.58 -18.48 10.63
CA VAL C 106 -6.59 -18.43 11.70
C VAL C 106 -7.69 -17.58 11.05
N ASN C 107 -8.67 -17.04 11.76
CA ASN C 107 -8.95 -15.73 11.17
C ASN C 107 -9.78 -14.77 12.01
N TYR C 108 -9.05 -13.92 12.71
CA TYR C 108 -9.05 -12.48 12.47
C TYR C 108 -7.60 -12.13 12.16
N ASN C 109 -7.34 -11.66 10.95
CA ASN C 109 -5.98 -11.30 10.54
C ASN C 109 -6.02 -10.25 9.43
N PRO C 110 -6.39 -9.02 9.78
CA PRO C 110 -6.56 -7.98 8.76
C PRO C 110 -5.27 -7.53 8.09
N ILE C 111 -4.11 -7.76 8.69
CA ILE C 111 -2.85 -7.37 8.07
C ILE C 111 -2.20 -8.55 7.35
N ALA C 112 -2.14 -9.71 8.01
CA ALA C 112 -1.42 -10.84 7.45
C ALA C 112 -1.99 -11.23 6.11
N GLU C 113 -3.26 -10.96 5.92
CA GLU C 113 -3.76 -11.21 4.58
C GLU C 113 -3.12 -10.47 3.44
N LYS C 114 -2.64 -9.25 3.61
CA LYS C 114 -2.10 -8.64 2.42
C LYS C 114 -0.73 -9.17 2.08
N HIS C 115 -0.35 -10.29 2.69
CA HIS C 115 0.97 -10.88 2.51
C HIS C 115 0.93 -12.40 2.35
N VAL C 116 -0.24 -13.01 2.12
CA VAL C 116 -0.28 -14.43 1.75
C VAL C 116 0.64 -14.71 0.58
N ASN C 117 1.40 -15.81 0.72
CA ASN C 117 2.49 -16.20 -0.16
C ASN C 117 3.57 -15.14 -0.23
N GLY C 118 3.55 -14.21 0.71
CA GLY C 118 4.67 -13.31 0.92
C GLY C 118 5.24 -13.52 2.31
N THR C 119 5.90 -12.48 2.82
CA THR C 119 6.43 -12.52 4.16
C THR C 119 6.06 -11.23 4.90
N MET C 120 6.24 -11.27 6.22
CA MET C 120 6.19 -10.07 7.04
C MET C 120 7.38 -10.10 7.98
N SER C 121 7.97 -8.94 8.25
CA SER C 121 9.02 -8.93 9.26
C SER C 121 8.41 -9.15 10.64
N LEU C 122 9.26 -9.60 11.56
CA LEU C 122 8.83 -9.65 12.96
C LEU C 122 8.39 -8.28 13.47
N ALA C 123 9.00 -7.18 13.02
CA ALA C 123 8.50 -5.86 13.41
C ALA C 123 7.09 -5.65 12.90
N GLU C 124 6.83 -6.05 11.66
CA GLU C 124 5.50 -5.89 11.08
C GLU C 124 4.49 -6.81 11.76
N LEU C 125 4.90 -8.01 12.14
CA LEU C 125 3.98 -8.91 12.83
C LEU C 125 3.67 -8.39 14.23
N SER C 126 4.68 -7.86 14.92
CA SER C 126 4.46 -7.24 16.23
C SER C 126 3.44 -6.11 16.13
N ALA C 127 3.65 -5.21 15.16
CA ALA C 127 2.78 -4.08 14.98
C ALA C 127 1.38 -4.53 14.65
N ALA C 128 1.26 -5.54 13.77
CA ALA C 128 -0.04 -6.05 13.36
C ALA C 128 -0.76 -6.68 14.54
N ALA C 129 -0.05 -7.51 15.31
CA ALA C 129 -0.67 -8.11 16.49
C ALA C 129 -1.11 -7.05 17.49
N LEU C 130 -0.28 -6.01 17.71
CA LEU C 130 -0.55 -5.08 18.80
C LEU C 130 -1.56 -4.02 18.40
N GLN C 131 -1.55 -3.58 17.15
CA GLN C 131 -2.36 -2.45 16.72
C GLN C 131 -3.62 -2.82 15.97
N TYR C 132 -3.69 -4.03 15.39
CA TYR C 132 -4.93 -4.51 14.76
C TYR C 132 -5.43 -5.81 15.37
N SER C 133 -4.78 -6.31 16.41
CA SER C 133 -5.14 -7.56 17.05
C SER C 133 -5.15 -8.71 16.04
N ASP C 134 -4.26 -8.64 15.06
CA ASP C 134 -4.14 -9.68 14.03
C ASP C 134 -3.79 -11.02 14.66
N ASN C 135 -4.58 -12.06 14.37
CA ASN C 135 -4.34 -13.31 15.07
C ASN C 135 -3.27 -14.17 14.41
N VAL C 136 -3.08 -14.03 13.09
CA VAL C 136 -1.96 -14.72 12.45
C VAL C 136 -0.65 -14.16 12.98
N ALA C 137 -0.58 -12.83 13.09
CA ALA C 137 0.62 -12.19 13.62
C ALA C 137 0.97 -12.74 15.00
N MET C 138 -0.02 -12.87 15.88
CA MET C 138 0.20 -13.47 17.19
C MET C 138 0.81 -14.87 17.07
N ASN C 139 0.19 -15.74 16.25
CA ASN C 139 0.70 -17.10 16.08
C ASN C 139 2.14 -17.09 15.60
N LYS C 140 2.48 -16.17 14.69
CA LYS C 140 3.86 -16.09 14.24
C LYS C 140 4.80 -15.68 15.37
N LEU C 141 4.39 -14.72 16.22
CA LEU C 141 5.22 -14.35 17.35
C LEU C 141 5.41 -15.53 18.30
N ILE C 142 4.32 -16.22 18.62
CA ILE C 142 4.41 -17.36 19.53
C ILE C 142 5.36 -18.39 18.96
N ALA C 143 5.13 -18.79 17.71
CA ALA C 143 5.99 -19.79 17.07
C ALA C 143 7.44 -19.37 17.18
N HIS C 144 7.70 -18.08 17.14
CA HIS C 144 9.06 -17.67 16.86
C HIS C 144 9.89 -17.71 18.10
N VAL C 145 9.26 -17.48 19.26
CA VAL C 145 9.96 -17.59 20.52
C VAL C 145 10.01 -19.03 20.99
N GLY C 146 9.22 -19.91 20.39
CA GLY C 146 9.33 -21.31 20.70
C GLY C 146 8.04 -21.97 21.13
N GLY C 147 6.91 -21.27 21.01
CA GLY C 147 5.65 -21.81 21.44
C GLY C 147 5.15 -21.16 22.73
N PRO C 148 3.90 -21.48 23.11
CA PRO C 148 3.32 -20.83 24.29
C PRO C 148 4.15 -20.98 25.56
N ALA C 149 4.78 -22.14 25.77
CA ALA C 149 5.55 -22.32 26.98
C ALA C 149 6.74 -21.38 27.00
N SER C 150 7.29 -21.08 25.83
CA SER C 150 8.39 -20.13 25.75
CA SER C 150 8.39 -20.13 25.75
C SER C 150 7.92 -18.72 26.09
N VAL C 151 6.71 -18.35 25.68
CA VAL C 151 6.18 -17.05 26.10
C VAL C 151 5.99 -17.05 27.62
N THR C 152 5.46 -18.13 28.17
CA THR C 152 5.32 -18.21 29.61
C THR C 152 6.66 -18.11 30.30
N ALA C 153 7.69 -18.73 29.73
CA ALA C 153 9.01 -18.65 30.33
C ALA C 153 9.55 -17.23 30.32
N PHE C 154 9.27 -16.46 29.27
CA PHE C 154 9.69 -15.07 29.26
C PHE C 154 9.02 -14.31 30.41
N ALA C 155 7.74 -14.55 30.63
CA ALA C 155 7.04 -13.94 31.74
C ALA C 155 7.71 -14.27 33.06
N ARG C 156 8.11 -15.54 33.23
CA ARG C 156 8.79 -15.95 34.46
C ARG C 156 10.09 -15.21 34.65
N GLN C 157 10.86 -15.05 33.58
CA GLN C 157 12.11 -14.30 33.66
C GLN C 157 11.88 -12.85 34.08
N LEU C 158 10.69 -12.30 33.81
CA LEU C 158 10.33 -10.97 34.30
C LEU C 158 9.86 -10.98 35.74
N GLY C 159 9.84 -12.14 36.39
CA GLY C 159 9.28 -12.23 37.73
C GLY C 159 7.78 -12.34 37.76
N ASP C 160 7.11 -12.51 36.61
CA ASP C 160 5.68 -12.75 36.59
C ASP C 160 5.44 -14.24 36.76
N GLU C 161 4.92 -14.62 37.92
CA GLU C 161 4.70 -15.99 38.36
C GLU C 161 3.26 -16.46 38.08
N THR C 162 2.44 -15.58 37.56
CA THR C 162 1.01 -15.81 37.37
C THR C 162 0.61 -16.04 35.91
N PHE C 163 1.18 -15.26 34.99
CA PHE C 163 0.90 -15.37 33.57
C PHE C 163 1.10 -16.81 33.10
N ARG C 164 0.14 -17.32 32.32
CA ARG C 164 0.37 -18.58 31.61
C ARG C 164 -0.28 -18.52 30.25
N LEU C 165 0.49 -18.82 29.22
CA LEU C 165 -0.01 -18.94 27.85
C LEU C 165 0.07 -20.41 27.48
N ASP C 166 -1.06 -20.97 27.06
CA ASP C 166 -1.18 -22.40 26.86
C ASP C 166 -1.51 -22.78 25.43
N ARG C 167 -2.21 -21.93 24.70
CA ARG C 167 -2.71 -22.28 23.38
C ARG C 167 -2.35 -21.17 22.41
N THR C 168 -2.68 -21.41 21.14
CA THR C 168 -2.45 -20.47 20.07
C THR C 168 -3.76 -19.78 19.71
N GLU C 169 -3.71 -18.88 18.72
CA GLU C 169 -4.90 -18.32 18.12
C GLU C 169 -5.56 -19.34 17.19
N PRO C 170 -6.89 -19.49 17.24
CA PRO C 170 -7.81 -18.67 18.03
C PRO C 170 -8.28 -19.31 19.32
N THR C 171 -7.83 -20.53 19.64
CA THR C 171 -8.45 -21.19 20.79
C THR C 171 -8.10 -20.53 22.12
N LEU C 172 -7.04 -19.72 22.21
CA LEU C 172 -6.68 -19.17 23.51
C LEU C 172 -7.72 -18.19 24.04
N ASN C 173 -8.72 -17.83 23.23
CA ASN C 173 -9.74 -16.88 23.61
C ASN C 173 -11.04 -17.53 24.07
N THR C 174 -11.05 -18.86 24.29
CA THR C 174 -12.30 -19.49 24.69
C THR C 174 -12.84 -18.87 25.97
N ALA C 175 -11.97 -18.55 26.93
CA ALA C 175 -12.34 -17.79 28.13
C ALA C 175 -13.40 -18.52 28.95
N ILE C 176 -13.22 -19.82 29.14
CA ILE C 176 -14.24 -20.61 29.84
C ILE C 176 -14.07 -20.44 31.35
N PRO C 177 -15.17 -20.20 32.07
CA PRO C 177 -15.07 -20.03 33.53
C PRO C 177 -14.45 -21.26 34.17
N GLY C 178 -13.61 -21.03 35.18
CA GLY C 178 -12.88 -22.10 35.82
C GLY C 178 -11.66 -22.59 35.08
N ASP C 179 -11.52 -22.28 33.79
CA ASP C 179 -10.40 -22.74 32.98
C ASP C 179 -9.19 -21.84 33.21
N PRO C 180 -8.12 -22.35 33.81
CA PRO C 180 -6.93 -21.52 34.07
C PRO C 180 -6.02 -21.34 32.86
N ARG C 181 -6.33 -21.95 31.72
CA ARG C 181 -5.47 -21.82 30.55
C ARG C 181 -5.53 -20.40 30.02
N ASP C 182 -4.36 -19.86 29.66
CA ASP C 182 -4.28 -18.55 29.01
C ASP C 182 -4.83 -17.46 29.92
N THR C 183 -4.53 -17.55 31.21
CA THR C 183 -5.02 -16.56 32.16
C THR C 183 -3.88 -15.83 32.84
N THR C 184 -4.22 -14.72 33.48
CA THR C 184 -3.36 -14.07 34.45
C THR C 184 -4.25 -13.30 35.43
N SER C 185 -3.62 -12.65 36.39
CA SER C 185 -4.38 -11.79 37.30
C SER C 185 -4.15 -10.33 36.95
N PRO C 186 -5.11 -9.46 37.29
CA PRO C 186 -4.94 -8.02 37.02
C PRO C 186 -3.69 -7.45 37.68
N ARG C 187 -3.42 -7.87 38.93
CA ARG C 187 -2.23 -7.37 39.62
C ARG C 187 -0.96 -7.79 38.90
N ALA C 188 -0.87 -9.07 38.50
CA ALA C 188 0.32 -9.56 37.82
C ALA C 188 0.50 -8.84 36.49
N MET C 189 -0.58 -8.72 35.73
CA MET C 189 -0.47 -8.09 34.42
C MET C 189 -0.13 -6.60 34.55
N ALA C 190 -0.69 -5.91 35.55
CA ALA C 190 -0.35 -4.49 35.76
C ALA C 190 1.12 -4.35 36.12
N GLN C 191 1.62 -5.16 37.06
CA GLN C 191 3.03 -5.00 37.37
C GLN C 191 3.91 -5.33 36.16
N THR C 192 3.59 -6.40 35.45
CA THR C 192 4.40 -6.75 34.29
C THR C 192 4.35 -5.65 33.25
N LEU C 193 3.15 -5.12 32.98
CA LEU C 193 3.05 -4.05 32.00
C LEU C 193 3.85 -2.82 32.44
N ARG C 194 3.86 -2.53 33.75
CA ARG C 194 4.69 -1.44 34.24
C ARG C 194 6.17 -1.70 33.92
N ASN C 195 6.67 -2.88 34.28
CA ASN C 195 8.06 -3.23 34.03
C ASN C 195 8.41 -3.17 32.55
N LEU C 196 7.47 -3.53 31.69
CA LEU C 196 7.74 -3.56 30.25
C LEU C 196 7.70 -2.18 29.62
N THR C 197 6.71 -1.35 29.96
CA THR C 197 6.53 -0.10 29.24
C THR C 197 7.23 1.09 29.92
N LEU C 198 7.52 0.98 31.19
CA LEU C 198 8.10 2.07 31.97
C LEU C 198 9.34 1.65 32.70
N GLY C 199 9.40 0.41 33.18
CA GLY C 199 10.54 -0.11 33.90
C GLY C 199 11.66 -0.59 32.99
N LYS C 200 12.49 -1.47 33.54
CA LYS C 200 13.76 -1.92 32.97
C LYS C 200 13.71 -3.32 32.34
N ALA C 201 12.52 -3.93 32.22
CA ALA C 201 12.47 -5.30 31.72
C ALA C 201 13.08 -5.40 30.33
N LEU C 202 12.90 -4.37 29.52
CA LEU C 202 13.45 -4.28 28.18
C LEU C 202 14.54 -3.21 28.14
N GLY C 203 15.40 -3.31 27.14
CA GLY C 203 16.31 -2.21 26.85
C GLY C 203 15.55 -0.97 26.43
N ASP C 204 16.25 0.17 26.54
CA ASP C 204 15.61 1.45 26.33
C ASP C 204 15.01 1.52 24.95
N SER C 205 15.78 1.09 23.96
CA SER C 205 15.33 0.97 22.58
C SER C 205 14.08 0.09 22.46
N GLN C 206 14.09 -1.07 23.11
CA GLN C 206 12.96 -2.00 22.98
C GLN C 206 11.73 -1.49 23.75
N ARG C 207 11.94 -0.95 24.93
CA ARG C 207 10.87 -0.30 25.67
CA ARG C 207 10.85 -0.33 25.66
C ARG C 207 10.17 0.74 24.80
N ALA C 208 10.96 1.62 24.19
CA ALA C 208 10.38 2.69 23.39
C ALA C 208 9.60 2.12 22.21
N GLN C 209 10.11 1.05 21.59
CA GLN C 209 9.40 0.42 20.49
C GLN C 209 8.05 -0.13 20.95
N LEU C 210 8.01 -0.79 22.11
CA LEU C 210 6.73 -1.32 22.61
C LEU C 210 5.74 -0.19 22.88
N VAL C 211 6.21 0.91 23.49
CA VAL C 211 5.33 2.04 23.80
C VAL C 211 4.79 2.64 22.50
N THR C 212 5.66 2.80 21.50
CA THR C 212 5.23 3.32 20.21
C THR C 212 4.13 2.44 19.61
N TRP C 213 4.35 1.12 19.61
CA TRP C 213 3.35 0.19 19.07
C TRP C 213 2.02 0.32 19.79
N MET C 214 2.02 0.29 21.13
CA MET C 214 0.75 0.32 21.86
C MET C 214 0.05 1.66 21.70
N LYS C 215 0.82 2.75 21.64
CA LYS C 215 0.22 4.06 21.39
C LYS C 215 -0.43 4.11 20.03
N GLY C 216 0.06 3.32 19.07
CA GLY C 216 -0.54 3.24 17.75
C GLY C 216 -1.66 2.24 17.62
N ASN C 217 -2.18 1.72 18.73
CA ASN C 217 -3.28 0.76 18.69
C ASN C 217 -4.50 1.39 18.04
N THR C 218 -5.20 0.61 17.21
CA THR C 218 -6.42 1.09 16.58
C THR C 218 -7.69 0.47 17.15
N THR C 219 -7.58 -0.49 18.07
CA THR C 219 -8.75 -1.24 18.53
C THR C 219 -9.31 -0.80 19.87
N GLY C 220 -8.74 0.22 20.51
CA GLY C 220 -9.09 0.47 21.90
C GLY C 220 -9.88 1.73 22.22
N ALA C 221 -10.47 2.37 21.20
CA ALA C 221 -11.10 3.67 21.43
C ALA C 221 -12.32 3.56 22.36
N ALA C 222 -13.01 2.43 22.33
CA ALA C 222 -14.23 2.24 23.10
C ALA C 222 -13.99 1.59 24.47
N SER C 223 -12.77 1.26 24.80
CA SER C 223 -12.46 0.53 26.05
C SER C 223 -11.90 1.53 27.05
N ILE C 224 -10.73 1.30 27.65
CA ILE C 224 -10.22 2.20 28.70
C ILE C 224 -10.24 3.65 28.23
N GLN C 225 -9.86 3.90 26.97
CA GLN C 225 -9.77 5.27 26.47
C GLN C 225 -11.07 6.03 26.57
N ALA C 226 -12.19 5.33 26.33
CA ALA C 226 -13.51 5.95 26.40
C ALA C 226 -13.83 6.51 27.78
N GLY C 227 -13.14 6.07 28.84
CA GLY C 227 -13.39 6.49 30.20
C GLY C 227 -12.43 7.53 30.74
N LEU C 228 -11.51 8.00 29.93
CA LEU C 228 -10.44 8.90 30.29
C LEU C 228 -10.63 10.25 29.60
N PRO C 229 -10.21 11.35 30.24
CA PRO C 229 -10.22 12.64 29.56
C PRO C 229 -9.60 12.51 28.18
N ALA C 230 -10.17 13.24 27.23
CA ALA C 230 -9.78 13.07 25.84
C ALA C 230 -8.32 13.47 25.61
N SER C 231 -7.77 14.35 26.46
CA SER C 231 -6.41 14.84 26.24
C SER C 231 -5.34 13.83 26.68
N TRP C 232 -5.71 12.82 27.46
CA TRP C 232 -4.74 11.86 27.98
C TRP C 232 -4.25 10.91 26.89
N VAL C 233 -2.94 10.64 26.89
CA VAL C 233 -2.32 9.77 25.90
C VAL C 233 -2.33 8.33 26.42
N VAL C 234 -2.78 7.39 25.59
CA VAL C 234 -2.98 6.01 26.01
C VAL C 234 -2.25 5.10 25.03
N GLY C 235 -1.49 4.14 25.58
CA GLY C 235 -1.08 3.01 24.79
C GLY C 235 -1.75 1.79 25.38
N ASP C 236 -2.54 1.04 24.60
CA ASP C 236 -3.33 -0.03 25.17
C ASP C 236 -3.39 -1.23 24.22
N LYS C 237 -3.70 -2.39 24.79
CA LYS C 237 -4.01 -3.59 24.03
C LYS C 237 -5.32 -4.16 24.53
N THR C 238 -6.31 -4.27 23.63
CA THR C 238 -7.60 -4.85 23.96
C THR C 238 -7.55 -6.37 23.87
N GLY C 239 -8.61 -7.01 24.34
CA GLY C 239 -8.83 -8.42 24.05
C GLY C 239 -10.29 -8.74 24.19
N SER C 240 -10.71 -9.80 23.49
CA SER C 240 -12.11 -10.21 23.55
C SER C 240 -12.16 -11.71 23.34
N GLY C 241 -13.21 -12.34 23.84
CA GLY C 241 -13.30 -13.79 23.74
C GLY C 241 -14.67 -14.30 24.11
N GLY C 242 -14.74 -15.61 24.30
CA GLY C 242 -15.99 -16.24 24.67
C GLY C 242 -16.47 -15.74 26.02
N TYR C 243 -17.74 -16.01 26.31
CA TYR C 243 -18.35 -15.56 27.57
C TYR C 243 -18.35 -14.04 27.68
N GLY C 244 -18.42 -13.37 26.53
CA GLY C 244 -18.45 -11.93 26.51
C GLY C 244 -17.24 -11.31 27.16
N THR C 245 -16.10 -12.00 27.12
CA THR C 245 -14.91 -11.47 27.76
C THR C 245 -14.44 -10.25 26.99
N THR C 246 -14.17 -9.18 27.72
CA THR C 246 -13.79 -7.89 27.15
C THR C 246 -12.69 -7.35 28.03
N ASN C 247 -11.50 -7.12 27.44
CA ASN C 247 -10.30 -6.80 28.19
C ASN C 247 -9.60 -5.59 27.60
N ASP C 248 -8.78 -4.95 28.44
CA ASP C 248 -7.92 -3.86 28.02
C ASP C 248 -6.82 -3.68 29.05
N ILE C 249 -5.59 -3.52 28.58
CA ILE C 249 -4.47 -3.18 29.45
C ILE C 249 -3.78 -1.98 28.84
N ALA C 250 -3.42 -1.01 29.68
CA ALA C 250 -3.03 0.29 29.14
C ALA C 250 -1.95 0.91 30.01
N VAL C 251 -1.05 1.63 29.34
CA VAL C 251 -0.19 2.63 29.97
C VAL C 251 -0.73 4.00 29.55
N ILE C 252 -0.86 4.90 30.52
CA ILE C 252 -1.61 6.14 30.35
C ILE C 252 -0.75 7.29 30.85
N TRP C 253 -0.52 8.29 30.00
CA TRP C 253 0.18 9.50 30.44
C TRP C 253 -0.85 10.63 30.48
N PRO C 254 -1.47 10.90 31.62
CA PRO C 254 -2.26 12.12 31.75
C PRO C 254 -1.30 13.30 31.75
N LYS C 255 -1.68 14.41 31.14
CA LYS C 255 -0.64 15.42 31.00
C LYS C 255 -0.46 16.11 32.33
N ASP C 256 0.77 16.58 32.51
CA ASP C 256 1.26 17.16 33.74
C ASP C 256 1.18 16.18 34.87
N ARG C 257 1.18 14.89 34.55
CA ARG C 257 1.03 13.84 35.53
CA ARG C 257 1.00 13.83 35.53
C ARG C 257 1.91 12.64 35.25
N ALA C 258 2.30 11.97 36.31
CA ALA C 258 3.06 10.74 36.18
C ALA C 258 2.16 9.68 35.56
N PRO C 259 2.72 8.75 34.80
CA PRO C 259 1.89 7.77 34.08
C PRO C 259 1.17 6.80 35.01
N LEU C 260 0.08 6.25 34.49
CA LEU C 260 -0.68 5.18 35.13
C LEU C 260 -0.58 3.90 34.29
N ILE C 261 -0.57 2.75 34.98
CA ILE C 261 -0.81 1.45 34.35
C ILE C 261 -2.19 1.00 34.80
N LEU C 262 -3.04 0.63 33.86
CA LEU C 262 -4.38 0.17 34.19
C LEU C 262 -4.70 -1.12 33.44
N VAL C 263 -5.12 -2.14 34.19
CA VAL C 263 -5.64 -3.40 33.64
C VAL C 263 -7.11 -3.49 34.02
N THR C 264 -7.96 -3.70 33.02
CA THR C 264 -9.39 -3.94 33.23
C THR C 264 -9.77 -5.23 32.50
N TYR C 265 -10.18 -6.23 33.25
CA TYR C 265 -10.62 -7.52 32.72
C TYR C 265 -12.09 -7.72 33.07
N PHE C 266 -12.86 -8.24 32.13
CA PHE C 266 -14.29 -8.39 32.38
C PHE C 266 -14.80 -9.62 31.67
N THR C 267 -15.50 -10.49 32.41
CA THR C 267 -16.08 -11.68 31.80
C THR C 267 -17.47 -11.90 32.36
N GLN C 268 -18.26 -12.65 31.61
CA GLN C 268 -19.68 -12.80 31.84
C GLN C 268 -20.04 -14.26 31.95
N PRO C 269 -21.28 -14.56 32.38
CA PRO C 269 -21.63 -15.98 32.56
C PRO C 269 -22.23 -16.63 31.31
N GLN C 270 -22.83 -15.85 30.26
CA GLN C 270 -23.42 -16.73 29.25
C GLN C 270 -22.34 -16.98 28.19
N PRO C 271 -22.24 -18.19 27.61
CA PRO C 271 -21.23 -18.44 26.58
C PRO C 271 -21.21 -17.45 25.41
N LYS C 272 -22.35 -16.90 24.98
CA LYS C 272 -22.35 -16.01 23.83
C LYS C 272 -22.77 -14.59 24.20
N ALA C 273 -22.50 -14.19 25.45
CA ALA C 273 -22.66 -12.80 25.85
C ALA C 273 -21.96 -11.88 24.87
N GLU C 274 -22.54 -10.71 24.62
CA GLU C 274 -21.81 -9.82 23.72
C GLU C 274 -20.80 -8.98 24.51
N SER C 275 -19.86 -8.41 23.76
CA SER C 275 -18.80 -7.60 24.33
C SER C 275 -19.38 -6.42 25.08
N ARG C 276 -18.69 -6.01 26.14
CA ARG C 276 -19.08 -4.87 26.96
C ARG C 276 -17.87 -3.95 27.15
N ARG C 277 -17.40 -3.36 26.06
CA ARG C 277 -16.24 -2.47 26.19
C ARG C 277 -16.58 -1.23 27.03
N ASP C 278 -17.86 -0.88 27.11
CA ASP C 278 -18.30 0.24 27.94
C ASP C 278 -18.07 -0.01 29.42
N VAL C 279 -18.10 -1.28 29.84
CA VAL C 279 -17.80 -1.60 31.22
C VAL C 279 -16.36 -1.25 31.55
N LEU C 280 -15.44 -1.50 30.61
CA LEU C 280 -14.04 -1.13 30.81
C LEU C 280 -13.89 0.37 30.87
N ALA C 281 -14.59 1.10 29.98
CA ALA C 281 -14.57 2.55 30.04
C ALA C 281 -15.07 3.07 31.39
N SER C 282 -16.16 2.48 31.91
CA SER C 282 -16.70 2.91 33.19
C SER C 282 -15.71 2.62 34.31
N ALA C 283 -15.15 1.41 34.32
CA ALA C 283 -14.12 1.06 35.30
C ALA C 283 -12.97 2.06 35.25
N ALA C 284 -12.54 2.44 34.05
CA ALA C 284 -11.44 3.39 33.91
C ALA C 284 -11.80 4.77 34.47
N LYS C 285 -12.97 5.30 34.11
CA LYS C 285 -13.49 6.52 34.74
C LYS C 285 -13.46 6.44 36.26
N ILE C 286 -14.00 5.35 36.81
CA ILE C 286 -14.11 5.21 38.26
C ILE C 286 -12.74 5.27 38.93
N VAL C 287 -11.77 4.51 38.43
CA VAL C 287 -10.50 4.45 39.15
C VAL C 287 -9.58 5.62 38.84
N THR C 288 -9.83 6.37 37.77
CA THR C 288 -9.02 7.56 37.53
C THR C 288 -9.67 8.81 38.11
N ASP C 289 -10.86 8.68 38.69
CA ASP C 289 -11.51 9.76 39.41
C ASP C 289 -10.70 10.09 40.66
N GLY C 290 -10.62 11.38 40.98
CA GLY C 290 -9.58 11.81 41.88
C GLY C 290 -8.25 12.01 41.20
N LEU C 291 -8.19 11.79 39.89
CA LEU C 291 -6.97 11.99 39.13
C LEU C 291 -7.37 12.54 37.78
#